data_1DZQ
#
_entry.id   1DZQ
#
_cell.length_a   104.870
_cell.length_b   104.870
_cell.length_c   175.300
_cell.angle_alpha   90.00
_cell.angle_beta   90.00
_cell.angle_gamma   120.00
#
_symmetry.space_group_name_H-M   'P 32 2 1'
#
loop_
_entity.id
_entity.type
_entity.pdbx_description
1 polymer 'LECTIN II'
2 non-polymer 'MANGANESE (II) ION'
3 non-polymer 'CALCIUM ION'
4 non-polymer 2-acetamido-2-deoxy-beta-D-glucopyranose
5 non-polymer beta-D-galactopyranose
#
_entity_poly.entity_id   1
_entity_poly.type   'polypeptide(L)'
_entity_poly.pdbx_seq_one_letter_code
;NLSDDLSFNFDKFVPNQKNIIFQGDASVSTTGVLQVTKVSKPTTTSIGRALYAAPIQIWDSITGKVASFATSFSFVVKAD
KSDGVDGLAFFLAPANSQIPSGSSAGMFGLFSSSDSKSSNQIIAVEFDTYFGKAYNPWDPDFKHIGIDVNSIKSIKTVKW
DWRNGEVADVVITYRAPTKSLTVCLSYPSDGTSNIITASVDLKAILPEWVSVGFSGGVGNAAEFETHDVLSWYFTSNLEA
NN
;
_entity_poly.pdbx_strand_id   A,B,C,D
#
loop_
_chem_comp.id
_chem_comp.type
_chem_comp.name
_chem_comp.formula
CA non-polymer 'CALCIUM ION' 'Ca 2'
GAL D-saccharide, beta linking beta-D-galactopyranose 'C6 H12 O6'
MN non-polymer 'MANGANESE (II) ION' 'Mn 2'
NAG D-saccharide, beta linking 2-acetamido-2-deoxy-beta-D-glucopyranose 'C8 H15 N O6'
#
# COMPACT_ATOMS: atom_id res chain seq x y z
N SER A 3 -5.53 1.14 5.49
CA SER A 3 -4.64 1.85 4.56
C SER A 3 -5.17 3.24 4.20
N ASP A 4 -4.59 3.83 3.16
CA ASP A 4 -4.96 5.17 2.68
C ASP A 4 -6.34 5.17 2.04
N ASP A 5 -6.97 6.33 1.97
CA ASP A 5 -8.29 6.47 1.36
C ASP A 5 -8.36 6.00 -0.09
N LEU A 6 -7.42 6.43 -0.92
CA LEU A 6 -7.40 6.03 -2.32
C LEU A 6 -5.99 5.88 -2.84
N SER A 7 -5.83 4.97 -3.81
CA SER A 7 -4.53 4.71 -4.41
C SER A 7 -4.68 3.92 -5.71
N PHE A 8 -4.33 4.54 -6.83
CA PHE A 8 -4.41 3.85 -8.11
C PHE A 8 -3.11 4.01 -8.92
N ASN A 9 -2.86 3.07 -9.81
CA ASN A 9 -1.66 3.11 -10.62
C ASN A 9 -1.88 2.56 -12.03
N PHE A 10 -1.46 3.33 -13.03
CA PHE A 10 -1.57 2.94 -14.43
C PHE A 10 -0.16 2.92 -15.00
N ASP A 11 0.34 1.74 -15.36
CA ASP A 11 1.68 1.62 -15.92
C ASP A 11 1.66 1.99 -17.39
N LYS A 12 0.49 1.77 -17.99
CA LYS A 12 0.24 2.08 -19.38
C LYS A 12 -1.27 2.27 -19.47
N PHE A 13 -1.75 2.84 -20.55
CA PHE A 13 -3.17 3.04 -20.70
C PHE A 13 -3.70 2.11 -21.79
N VAL A 14 -5.00 1.89 -21.80
CA VAL A 14 -5.64 1.03 -22.79
C VAL A 14 -6.69 1.84 -23.55
N PRO A 15 -6.84 1.56 -24.86
CA PRO A 15 -7.81 2.27 -25.70
C PRO A 15 -9.21 2.21 -25.07
N ASN A 16 -9.80 3.38 -24.88
CA ASN A 16 -11.12 3.49 -24.26
C ASN A 16 -11.14 2.87 -22.88
N GLN A 17 -10.22 3.34 -22.05
CA GLN A 17 -10.07 2.90 -20.68
C GLN A 17 -11.34 3.41 -19.99
N LYS A 18 -12.08 2.50 -19.39
CA LYS A 18 -13.33 2.89 -18.74
C LYS A 18 -13.28 3.58 -17.39
N ASN A 19 -12.09 3.74 -16.82
CA ASN A 19 -11.99 4.44 -15.54
C ASN A 19 -11.33 5.80 -15.69
N ILE A 20 -11.32 6.29 -16.93
CA ILE A 20 -10.77 7.59 -17.26
C ILE A 20 -11.86 8.25 -18.08
N ILE A 21 -12.21 9.49 -17.73
CA ILE A 21 -13.22 10.23 -18.46
C ILE A 21 -12.49 11.10 -19.47
N PHE A 22 -12.80 10.92 -20.74
CA PHE A 22 -12.16 11.69 -21.80
C PHE A 22 -13.02 12.88 -22.22
N GLN A 23 -12.43 14.06 -22.16
CA GLN A 23 -13.12 15.28 -22.53
C GLN A 23 -12.32 15.94 -23.65
N GLY A 24 -13.01 16.56 -24.59
CA GLY A 24 -12.33 17.19 -25.71
C GLY A 24 -11.71 16.16 -26.64
N ASP A 25 -10.49 16.44 -27.10
CA ASP A 25 -9.80 15.55 -28.03
C ASP A 25 -8.90 14.51 -27.38
N ALA A 26 -8.96 14.39 -26.06
CA ALA A 26 -8.14 13.42 -25.34
C ALA A 26 -8.53 11.98 -25.66
N SER A 27 -7.53 11.12 -25.75
CA SER A 27 -7.75 9.71 -26.04
C SER A 27 -6.45 8.94 -25.79
N VAL A 28 -6.50 7.62 -25.87
CA VAL A 28 -5.31 6.82 -25.68
C VAL A 28 -5.03 5.96 -26.92
N SER A 29 -3.85 6.17 -27.50
CA SER A 29 -3.40 5.47 -28.70
C SER A 29 -3.26 3.97 -28.49
N THR A 30 -3.09 3.24 -29.59
CA THR A 30 -2.92 1.79 -29.52
C THR A 30 -1.61 1.38 -28.87
N THR A 31 -0.65 2.30 -28.80
CA THR A 31 0.64 2.02 -28.16
C THR A 31 0.55 2.19 -26.64
N GLY A 32 -0.67 2.49 -26.16
CA GLY A 32 -0.92 2.65 -24.74
C GLY A 32 -0.53 3.95 -24.08
N VAL A 33 -0.49 5.04 -24.84
CA VAL A 33 -0.15 6.32 -24.24
C VAL A 33 -1.34 7.26 -24.28
N LEU A 34 -1.49 8.04 -23.21
CA LEU A 34 -2.59 8.99 -23.13
C LEU A 34 -2.19 10.27 -23.87
N GLN A 35 -2.83 10.48 -25.02
CA GLN A 35 -2.56 11.66 -25.83
C GLN A 35 -3.65 12.67 -25.47
N VAL A 36 -3.38 13.49 -24.44
CA VAL A 36 -4.37 14.46 -23.99
C VAL A 36 -4.71 15.45 -25.10
N THR A 37 -3.72 15.68 -25.95
CA THR A 37 -3.86 16.57 -27.10
C THR A 37 -3.82 15.70 -28.35
N LYS A 38 -4.70 16.00 -29.30
CA LYS A 38 -4.80 15.25 -30.56
C LYS A 38 -3.55 15.28 -31.43
N VAL A 39 -3.19 14.12 -31.96
CA VAL A 39 -2.03 14.00 -32.84
C VAL A 39 -2.49 13.34 -34.14
N SER A 40 -2.30 14.08 -35.24
CA SER A 40 -2.67 13.65 -36.59
C SER A 40 -1.96 14.52 -37.63
N THR A 43 -2.88 17.51 -39.02
CA THR A 43 -2.47 18.31 -37.87
C THR A 43 -3.57 19.33 -37.54
N THR A 44 -3.77 19.66 -36.26
CA THR A 44 -4.85 20.59 -35.96
C THR A 44 -4.89 21.19 -34.55
N THR A 45 -5.61 22.31 -34.41
CA THR A 45 -5.80 23.00 -33.13
C THR A 45 -6.49 21.96 -32.23
N SER A 46 -6.18 21.98 -30.94
CA SER A 46 -6.77 20.98 -30.06
C SER A 46 -6.79 21.32 -28.57
N ILE A 47 -7.78 20.75 -27.87
CA ILE A 47 -7.95 20.91 -26.43
C ILE A 47 -8.51 19.59 -25.91
N GLY A 48 -7.95 19.10 -24.81
CA GLY A 48 -8.42 17.84 -24.26
C GLY A 48 -8.14 17.70 -22.78
N ARG A 49 -8.94 16.90 -22.10
CA ARG A 49 -8.78 16.66 -20.67
C ARG A 49 -9.11 15.19 -20.40
N ALA A 50 -8.49 14.62 -19.39
CA ALA A 50 -8.71 13.23 -19.01
C ALA A 50 -8.76 13.21 -17.50
N LEU A 51 -9.85 12.70 -16.93
CA LEU A 51 -9.99 12.65 -15.49
C LEU A 51 -10.19 11.23 -15.03
N TYR A 52 -9.79 10.94 -13.79
CA TYR A 52 -10.02 9.62 -13.23
C TYR A 52 -11.54 9.60 -13.02
N ALA A 53 -12.17 8.50 -13.39
CA ALA A 53 -13.62 8.35 -13.31
C ALA A 53 -14.34 8.58 -11.98
N ALA A 54 -13.64 8.48 -10.85
CA ALA A 54 -14.29 8.67 -9.55
C ALA A 54 -13.82 9.90 -8.80
N PRO A 55 -14.77 10.67 -8.23
CA PRO A 55 -14.41 11.85 -7.42
C PRO A 55 -13.60 11.44 -6.21
N ILE A 56 -12.85 12.38 -5.68
CA ILE A 56 -11.99 12.16 -4.54
C ILE A 56 -12.35 13.19 -3.49
N GLN A 57 -12.48 12.77 -2.23
CA GLN A 57 -12.78 13.70 -1.17
C GLN A 57 -11.47 14.30 -0.70
N ILE A 58 -11.28 15.57 -1.03
CA ILE A 58 -10.06 16.28 -0.70
C ILE A 58 -10.07 16.92 0.69
N TRP A 59 -11.27 17.09 1.27
CA TRP A 59 -11.40 17.62 2.63
C TRP A 59 -12.79 17.34 3.19
N ASP A 60 -12.87 17.22 4.52
CA ASP A 60 -14.14 16.92 5.20
C ASP A 60 -14.66 18.10 5.99
N SER A 61 -15.89 18.53 5.68
CA SER A 61 -16.50 19.67 6.38
C SER A 61 -16.93 19.31 7.79
N ILE A 62 -17.19 18.02 8.02
CA ILE A 62 -17.59 17.56 9.35
C ILE A 62 -16.43 17.69 10.33
N THR A 63 -15.37 16.94 10.07
CA THR A 63 -14.16 16.91 10.91
C THR A 63 -13.19 18.07 10.72
N GLY A 64 -13.23 18.72 9.57
CA GLY A 64 -12.31 19.81 9.30
C GLY A 64 -11.02 19.36 8.64
N LYS A 65 -10.79 18.04 8.62
CA LYS A 65 -9.60 17.41 8.02
C LYS A 65 -9.36 17.77 6.57
N VAL A 66 -8.08 17.84 6.19
CA VAL A 66 -7.69 18.10 4.80
C VAL A 66 -6.84 16.91 4.37
N ALA A 67 -6.93 16.55 3.10
CA ALA A 67 -6.19 15.41 2.58
C ALA A 67 -4.80 15.73 2.08
N SER A 68 -3.89 14.78 2.27
CA SER A 68 -2.54 14.90 1.75
C SER A 68 -2.56 13.97 0.54
N PHE A 69 -1.89 14.34 -0.54
CA PHE A 69 -1.87 13.48 -1.70
C PHE A 69 -0.53 13.54 -2.39
N ALA A 70 -0.25 12.54 -3.20
CA ALA A 70 0.98 12.48 -3.94
C ALA A 70 0.64 11.83 -5.27
N THR A 71 1.29 12.30 -6.32
CA THR A 71 1.06 11.75 -7.64
C THR A 71 2.36 11.73 -8.39
N SER A 72 2.49 10.75 -9.29
CA SER A 72 3.69 10.61 -10.09
C SER A 72 3.25 10.23 -11.48
N PHE A 73 3.89 10.86 -12.47
CA PHE A 73 3.58 10.56 -13.86
C PHE A 73 4.76 10.92 -14.74
N SER A 74 4.78 10.35 -15.94
CA SER A 74 5.85 10.61 -16.87
C SER A 74 5.21 11.06 -18.15
N PHE A 75 5.69 12.17 -18.68
CA PHE A 75 5.13 12.69 -19.91
C PHE A 75 6.19 13.05 -20.93
N VAL A 76 5.75 13.24 -22.17
CA VAL A 76 6.62 13.60 -23.27
C VAL A 76 5.91 14.68 -24.06
N VAL A 77 6.68 15.69 -24.46
CA VAL A 77 6.17 16.78 -25.27
C VAL A 77 7.14 16.87 -26.44
N LYS A 78 6.74 16.30 -27.58
CA LYS A 78 7.56 16.30 -28.78
C LYS A 78 7.02 17.30 -29.80
N ALA A 79 7.85 18.29 -30.11
CA ALA A 79 7.48 19.33 -31.09
C ALA A 79 8.10 19.03 -32.46
N ASP A 80 7.38 19.38 -33.53
CA ASP A 80 7.87 19.17 -34.89
C ASP A 80 9.06 20.07 -35.17
N LYS A 81 8.89 21.37 -34.94
CA LYS A 81 9.98 22.32 -35.13
C LYS A 81 10.79 22.32 -33.82
N SER A 82 11.50 23.39 -33.52
CA SER A 82 12.26 23.43 -32.27
C SER A 82 11.40 24.02 -31.16
N ASP A 83 10.14 24.32 -31.50
CA ASP A 83 9.21 24.89 -30.56
C ASP A 83 7.78 24.43 -30.81
N GLY A 84 6.99 24.45 -29.74
CA GLY A 84 5.61 24.04 -29.83
C GLY A 84 4.76 24.78 -28.83
N VAL A 85 3.46 24.53 -28.90
CA VAL A 85 2.46 25.12 -28.03
C VAL A 85 1.44 24.01 -27.74
N ASP A 86 0.67 24.11 -26.67
CA ASP A 86 0.67 25.23 -25.72
C ASP A 86 1.15 24.83 -24.33
N GLY A 87 1.05 23.54 -24.03
CA GLY A 87 1.45 23.06 -22.72
C GLY A 87 0.54 21.96 -22.18
N LEU A 88 0.86 21.48 -21.00
CA LEU A 88 0.12 20.41 -20.34
C LEU A 88 -0.08 20.79 -18.88
N ALA A 89 -1.11 20.22 -18.26
CA ALA A 89 -1.38 20.53 -16.87
C ALA A 89 -2.01 19.39 -16.09
N PHE A 90 -1.65 19.30 -14.81
CA PHE A 90 -2.22 18.32 -13.91
C PHE A 90 -3.12 19.21 -13.05
N PHE A 91 -4.35 18.78 -12.80
CA PHE A 91 -5.25 19.62 -12.01
C PHE A 91 -6.27 18.92 -11.13
N LEU A 92 -6.82 19.71 -10.22
CA LEU A 92 -7.87 19.29 -9.30
C LEU A 92 -8.99 20.30 -9.56
N ALA A 93 -10.17 19.80 -9.89
CA ALA A 93 -11.32 20.66 -10.18
C ALA A 93 -12.57 20.09 -9.52
N PRO A 94 -13.68 20.85 -9.51
CA PRO A 94 -14.91 20.33 -8.91
C PRO A 94 -15.29 18.99 -9.55
N ALA A 95 -15.86 18.10 -8.76
CA ALA A 95 -16.26 16.77 -9.23
C ALA A 95 -17.02 16.78 -10.55
N ASN A 96 -16.52 16.00 -11.51
CA ASN A 96 -17.13 15.86 -12.83
C ASN A 96 -17.33 17.17 -13.60
N SER A 97 -16.40 18.10 -13.43
CA SER A 97 -16.51 19.37 -14.15
C SER A 97 -16.25 19.16 -15.64
N GLN A 98 -16.82 20.05 -16.44
CA GLN A 98 -16.67 19.99 -17.89
C GLN A 98 -15.74 21.09 -18.38
N ILE A 99 -15.29 20.97 -19.62
CA ILE A 99 -14.43 21.99 -20.20
C ILE A 99 -15.27 23.27 -20.28
N PRO A 100 -14.77 24.36 -19.65
CA PRO A 100 -15.47 25.65 -19.62
C PRO A 100 -15.80 26.12 -21.03
N SER A 101 -16.99 26.69 -21.17
CA SER A 101 -17.44 27.20 -22.45
C SER A 101 -16.53 28.37 -22.86
N GLY A 102 -16.05 28.33 -24.11
CA GLY A 102 -15.18 29.38 -24.60
C GLY A 102 -13.79 29.39 -23.99
N SER A 103 -13.19 28.21 -23.89
CA SER A 103 -11.85 28.10 -23.34
C SER A 103 -10.87 27.98 -24.48
N SER A 104 -9.62 28.38 -24.25
CA SER A 104 -8.60 28.30 -25.29
C SER A 104 -7.46 27.38 -24.85
N ALA A 105 -6.61 27.01 -25.82
CA ALA A 105 -5.49 26.13 -25.56
C ALA A 105 -4.55 26.76 -24.53
N GLY A 106 -4.39 28.07 -24.61
CA GLY A 106 -3.52 28.78 -23.68
C GLY A 106 -3.99 28.72 -22.24
N MET A 107 -5.25 28.32 -22.06
CA MET A 107 -5.84 28.18 -20.72
C MET A 107 -6.03 26.71 -20.37
N PHE A 108 -5.51 25.84 -21.24
CA PHE A 108 -5.54 24.39 -21.07
C PHE A 108 -6.90 23.77 -20.83
N GLY A 109 -7.95 24.44 -21.31
CA GLY A 109 -9.29 23.93 -21.11
C GLY A 109 -9.70 23.94 -19.66
N LEU A 110 -9.13 24.85 -18.89
CA LEU A 110 -9.44 24.96 -17.46
C LEU A 110 -10.11 26.29 -17.12
N PHE A 111 -9.89 27.31 -17.93
CA PHE A 111 -10.45 28.63 -17.68
C PHE A 111 -11.21 29.27 -18.85
N SER A 112 -12.25 30.02 -18.50
CA SER A 112 -13.13 30.74 -19.44
C SER A 112 -12.48 32.09 -19.76
N SER A 113 -11.75 32.63 -18.79
CA SER A 113 -11.08 33.94 -18.96
C SER A 113 -9.71 33.98 -18.29
N SER A 114 -9.14 35.18 -18.20
CA SER A 114 -7.83 35.38 -17.57
C SER A 114 -7.95 36.07 -16.21
N ASP A 115 -9.17 36.13 -15.68
CA ASP A 115 -9.43 36.74 -14.38
C ASP A 115 -9.06 35.75 -13.29
N SER A 116 -9.19 36.19 -12.04
CA SER A 116 -8.88 35.33 -10.90
C SER A 116 -10.17 35.09 -10.10
N LYS A 117 -11.20 34.62 -10.78
CA LYS A 117 -12.50 34.35 -10.16
C LYS A 117 -12.43 33.23 -9.11
N SER A 118 -12.97 33.51 -7.93
CA SER A 118 -13.00 32.56 -6.81
C SER A 118 -13.86 31.32 -7.08
N SER A 119 -14.86 31.48 -7.94
CA SER A 119 -15.77 30.40 -8.31
C SER A 119 -15.17 29.36 -9.25
N ASN A 120 -14.00 29.64 -9.82
CA ASN A 120 -13.33 28.70 -10.72
C ASN A 120 -13.05 27.37 -10.00
N GLN A 121 -12.63 27.48 -8.74
CA GLN A 121 -12.30 26.33 -7.88
C GLN A 121 -11.37 25.34 -8.57
N ILE A 122 -10.23 25.85 -9.00
CA ILE A 122 -9.23 25.05 -9.71
C ILE A 122 -7.81 25.25 -9.21
N ILE A 123 -7.11 24.13 -9.03
CA ILE A 123 -5.72 24.16 -8.64
C ILE A 123 -5.04 23.30 -9.69
N ALA A 124 -4.01 23.85 -10.31
CA ALA A 124 -3.32 23.11 -11.34
C ALA A 124 -1.84 23.41 -11.40
N VAL A 125 -1.08 22.42 -11.85
CA VAL A 125 0.35 22.56 -12.01
C VAL A 125 0.51 22.51 -13.51
N GLU A 126 0.93 23.62 -14.10
CA GLU A 126 1.10 23.69 -15.53
C GLU A 126 2.54 23.57 -15.99
N PHE A 127 2.70 23.01 -17.19
CA PHE A 127 4.00 22.86 -17.84
C PHE A 127 3.75 23.62 -19.14
N ASP A 128 3.87 24.94 -19.04
CA ASP A 128 3.65 25.92 -20.10
C ASP A 128 4.78 26.04 -21.11
N THR A 129 4.50 25.72 -22.37
CA THR A 129 5.52 25.80 -23.42
C THR A 129 5.46 27.07 -24.25
N TYR A 130 4.31 27.75 -24.24
CA TYR A 130 4.14 28.99 -24.99
C TYR A 130 4.01 30.17 -24.03
N PHE A 131 4.77 31.23 -24.29
CA PHE A 131 4.74 32.40 -23.44
C PHE A 131 4.70 33.74 -24.19
N GLY A 132 4.31 33.70 -25.47
CA GLY A 132 4.25 34.91 -26.27
C GLY A 132 3.40 35.99 -25.63
N LYS A 133 3.99 37.17 -25.42
CA LYS A 133 3.31 38.30 -24.78
C LYS A 133 2.06 38.78 -25.53
N ALA A 134 2.06 38.58 -26.85
CA ALA A 134 0.93 39.00 -27.67
C ALA A 134 -0.34 38.25 -27.26
N TYR A 135 -0.25 36.93 -27.12
CA TYR A 135 -1.39 36.07 -26.74
C TYR A 135 -1.49 35.61 -25.29
N ASN A 136 -0.35 35.47 -24.61
CA ASN A 136 -0.32 35.06 -23.21
C ASN A 136 0.40 36.11 -22.37
N PRO A 137 -0.19 37.32 -22.23
CA PRO A 137 0.44 38.41 -21.47
C PRO A 137 0.73 38.13 -20.00
N TRP A 138 0.08 37.12 -19.43
CA TRP A 138 0.26 36.75 -18.02
C TRP A 138 1.52 35.92 -17.76
N ASP A 139 2.00 35.23 -18.78
CA ASP A 139 3.19 34.37 -18.70
C ASP A 139 4.52 35.11 -18.58
N PRO A 140 5.52 34.49 -17.91
CA PRO A 140 6.87 35.05 -17.78
C PRO A 140 7.59 34.86 -19.12
N ASP A 141 8.83 35.31 -19.25
CA ASP A 141 9.57 35.21 -20.51
C ASP A 141 10.35 33.94 -20.80
N PHE A 142 9.75 32.79 -20.47
CA PHE A 142 10.39 31.49 -20.68
C PHE A 142 9.41 30.36 -20.46
N LYS A 143 9.75 29.17 -20.96
CA LYS A 143 8.91 27.99 -20.75
C LYS A 143 9.00 27.76 -19.24
N HIS A 144 7.85 27.55 -18.60
CA HIS A 144 7.83 27.41 -17.15
C HIS A 144 6.93 26.32 -16.57
N ILE A 145 7.06 26.16 -15.25
CA ILE A 145 6.25 25.24 -14.48
C ILE A 145 5.57 26.22 -13.55
N GLY A 146 4.24 26.19 -13.49
CA GLY A 146 3.56 27.13 -12.62
C GLY A 146 2.47 26.52 -11.78
N ILE A 147 2.30 27.06 -10.57
CA ILE A 147 1.27 26.61 -9.66
C ILE A 147 0.11 27.59 -9.88
N ASP A 148 -0.99 27.09 -10.46
CA ASP A 148 -2.13 27.94 -10.73
C ASP A 148 -3.22 27.73 -9.70
N VAL A 149 -3.74 28.83 -9.17
CA VAL A 149 -4.80 28.77 -8.17
C VAL A 149 -5.91 29.71 -8.61
N ASN A 150 -6.97 29.13 -9.19
CA ASN A 150 -8.13 29.89 -9.66
C ASN A 150 -7.86 30.87 -10.80
N SER A 151 -6.67 30.80 -11.39
CA SER A 151 -6.32 31.71 -12.47
C SER A 151 -5.18 31.16 -13.32
N ILE A 152 -5.19 31.50 -14.60
CA ILE A 152 -4.15 31.06 -15.54
C ILE A 152 -2.84 31.82 -15.27
N LYS A 153 -2.93 32.88 -14.47
CA LYS A 153 -1.77 33.67 -14.09
C LYS A 153 -1.27 33.00 -12.80
N SER A 154 -0.26 32.17 -12.96
CA SER A 154 0.35 31.39 -11.88
C SER A 154 0.77 32.26 -10.71
N ILE A 155 0.59 31.74 -9.49
CA ILE A 155 0.99 32.44 -8.27
C ILE A 155 2.49 32.33 -8.05
N LYS A 156 3.10 31.34 -8.70
CA LYS A 156 4.54 31.11 -8.60
C LYS A 156 4.98 30.24 -9.76
N THR A 157 6.07 30.64 -10.40
CA THR A 157 6.60 29.89 -11.53
C THR A 157 8.09 29.64 -11.36
N VAL A 158 8.64 28.84 -12.26
CA VAL A 158 10.05 28.51 -12.25
C VAL A 158 10.39 28.12 -13.69
N LYS A 159 11.61 28.44 -14.13
CA LYS A 159 12.00 28.10 -15.49
C LYS A 159 12.00 26.58 -15.69
N TRP A 160 11.39 26.15 -16.78
CA TRP A 160 11.32 24.74 -17.12
C TRP A 160 12.26 24.47 -18.29
N ASP A 161 13.33 23.70 -18.02
CA ASP A 161 14.32 23.37 -19.03
C ASP A 161 13.85 22.22 -19.89
N TRP A 162 12.75 22.47 -20.59
CA TRP A 162 12.12 21.50 -21.47
C TRP A 162 13.07 20.87 -22.48
N ARG A 163 12.99 19.55 -22.61
CA ARG A 163 13.80 18.81 -23.56
C ARG A 163 12.84 18.20 -24.57
N ASN A 164 12.99 18.59 -25.83
CA ASN A 164 12.14 18.11 -26.91
C ASN A 164 12.19 16.60 -27.08
N GLY A 165 11.03 15.96 -27.03
CA GLY A 165 10.95 14.52 -27.22
C GLY A 165 11.44 13.60 -26.11
N GLU A 166 12.02 14.17 -25.06
CA GLU A 166 12.52 13.37 -23.95
C GLU A 166 11.46 13.12 -22.89
N VAL A 167 11.56 11.98 -22.21
CA VAL A 167 10.60 11.62 -21.17
C VAL A 167 10.95 12.31 -19.86
N ALA A 168 9.97 12.98 -19.27
CA ALA A 168 10.14 13.68 -18.01
C ALA A 168 9.35 12.95 -16.91
N ASP A 169 9.98 12.76 -15.75
CA ASP A 169 9.34 12.12 -14.62
C ASP A 169 8.96 13.23 -13.65
N VAL A 170 7.71 13.23 -13.21
CA VAL A 170 7.22 14.25 -12.29
C VAL A 170 6.64 13.63 -11.03
N VAL A 171 6.88 14.27 -9.89
CA VAL A 171 6.36 13.84 -8.61
C VAL A 171 5.79 15.08 -7.94
N ILE A 172 4.51 15.06 -7.64
CA ILE A 172 3.88 16.20 -6.98
C ILE A 172 3.36 15.70 -5.65
N THR A 173 3.66 16.45 -4.60
CA THR A 173 3.20 16.07 -3.27
C THR A 173 2.55 17.26 -2.58
N TYR A 174 1.48 16.99 -1.88
CA TYR A 174 0.81 18.01 -1.11
C TYR A 174 0.71 17.48 0.30
N ARG A 175 1.26 18.24 1.24
CA ARG A 175 1.26 17.84 2.64
C ARG A 175 0.32 18.78 3.39
N ALA A 176 -0.87 18.27 3.71
CA ALA A 176 -1.89 19.04 4.39
C ALA A 176 -1.43 19.82 5.62
N PRO A 177 -0.75 19.15 6.58
CA PRO A 177 -0.31 19.88 7.78
C PRO A 177 0.47 21.17 7.53
N THR A 178 1.32 21.18 6.50
CA THR A 178 2.09 22.39 6.21
C THR A 178 1.59 23.15 4.98
N LYS A 179 0.50 22.69 4.38
CA LYS A 179 -0.09 23.32 3.19
C LYS A 179 0.94 23.51 2.07
N SER A 180 1.89 22.58 1.99
CA SER A 180 2.96 22.66 1.02
C SER A 180 2.78 21.81 -0.23
N LEU A 181 2.75 22.46 -1.38
CA LEU A 181 2.63 21.77 -2.66
C LEU A 181 3.99 21.82 -3.35
N THR A 182 4.58 20.66 -3.62
CA THR A 182 5.89 20.62 -4.27
C THR A 182 5.88 19.85 -5.58
N VAL A 183 6.49 20.45 -6.60
CA VAL A 183 6.57 19.83 -7.91
C VAL A 183 8.02 19.48 -8.16
N CYS A 184 8.24 18.22 -8.50
CA CYS A 184 9.57 17.68 -8.73
C CYS A 184 9.71 17.09 -10.11
N LEU A 185 10.35 17.81 -11.03
CA LEU A 185 10.51 17.29 -12.38
C LEU A 185 11.96 16.96 -12.73
N SER A 186 12.15 15.84 -13.43
CA SER A 186 13.50 15.45 -13.84
C SER A 186 13.50 14.68 -15.15
N TYR A 187 14.61 14.80 -15.88
CA TYR A 187 14.80 14.13 -17.16
C TYR A 187 15.89 13.08 -17.01
N PRO A 188 15.52 11.80 -16.88
CA PRO A 188 16.52 10.74 -16.75
C PRO A 188 17.57 10.72 -17.88
N SER A 189 17.16 11.20 -19.05
CA SER A 189 18.00 11.27 -20.25
C SER A 189 19.33 11.99 -20.02
N ASP A 190 19.28 13.19 -19.42
CA ASP A 190 20.48 13.98 -19.17
C ASP A 190 20.65 14.55 -17.76
N GLY A 191 19.76 14.16 -16.85
CA GLY A 191 19.85 14.65 -15.49
C GLY A 191 19.32 16.05 -15.21
N THR A 192 18.61 16.65 -16.17
CA THR A 192 18.05 17.99 -15.99
C THR A 192 16.92 17.91 -14.97
N SER A 193 16.90 18.84 -14.02
CA SER A 193 15.89 18.83 -12.98
C SER A 193 15.39 20.22 -12.63
N ASN A 194 14.08 20.32 -12.41
CA ASN A 194 13.44 21.58 -12.06
C ASN A 194 12.53 21.31 -10.87
N ILE A 195 12.45 22.26 -9.95
CA ILE A 195 11.61 22.07 -8.77
C ILE A 195 10.94 23.38 -8.39
N ILE A 196 9.78 23.29 -7.76
CA ILE A 196 9.03 24.46 -7.34
C ILE A 196 8.10 24.07 -6.18
N THR A 197 7.97 24.95 -5.20
CA THR A 197 7.11 24.71 -4.05
C THR A 197 6.31 25.97 -3.73
N ALA A 198 5.06 25.80 -3.32
CA ALA A 198 4.21 26.93 -2.97
C ALA A 198 3.23 26.53 -1.87
N SER A 199 2.68 27.51 -1.17
CA SER A 199 1.70 27.24 -0.12
C SER A 199 0.30 27.38 -0.69
N VAL A 200 -0.54 26.37 -0.45
CA VAL A 200 -1.90 26.38 -0.96
C VAL A 200 -2.81 25.72 0.06
N ASP A 201 -3.91 26.37 0.39
CA ASP A 201 -4.87 25.80 1.33
C ASP A 201 -6.01 25.25 0.49
N LEU A 202 -6.00 23.93 0.27
CA LEU A 202 -7.04 23.27 -0.51
C LEU A 202 -8.43 23.57 -0.01
N LYS A 203 -8.60 23.57 1.31
CA LYS A 203 -9.89 23.82 1.94
C LYS A 203 -10.44 25.19 1.55
N ALA A 204 -9.55 26.15 1.33
CA ALA A 204 -9.95 27.51 0.96
C ALA A 204 -10.28 27.65 -0.51
N ILE A 205 -9.67 26.82 -1.36
CA ILE A 205 -9.90 26.91 -2.80
C ILE A 205 -10.89 25.94 -3.41
N LEU A 206 -10.77 24.66 -3.07
CA LEU A 206 -11.61 23.62 -3.64
C LEU A 206 -12.81 23.18 -2.80
N PRO A 207 -13.80 22.53 -3.46
CA PRO A 207 -14.95 21.98 -2.74
C PRO A 207 -14.50 20.66 -2.11
N GLU A 208 -15.36 20.00 -1.34
CA GLU A 208 -14.99 18.73 -0.69
C GLU A 208 -14.65 17.62 -1.68
N TRP A 209 -15.46 17.51 -2.72
CA TRP A 209 -15.30 16.49 -3.75
C TRP A 209 -14.75 17.06 -5.04
N VAL A 210 -13.61 16.51 -5.47
CA VAL A 210 -12.96 16.96 -6.69
C VAL A 210 -12.63 15.81 -7.64
N SER A 211 -12.30 16.17 -8.88
CA SER A 211 -11.88 15.22 -9.90
C SER A 211 -10.43 15.61 -10.23
N VAL A 212 -9.58 14.63 -10.46
CA VAL A 212 -8.18 14.91 -10.79
C VAL A 212 -7.85 14.41 -12.20
N GLY A 213 -6.93 15.08 -12.87
CA GLY A 213 -6.57 14.65 -14.20
C GLY A 213 -5.59 15.53 -14.93
N PHE A 214 -5.50 15.33 -16.23
CA PHE A 214 -4.61 16.11 -17.08
C PHE A 214 -5.41 16.84 -18.13
N SER A 215 -4.89 17.97 -18.57
CA SER A 215 -5.51 18.76 -19.61
C SER A 215 -4.37 19.38 -20.40
N GLY A 216 -4.64 19.75 -21.64
CA GLY A 216 -3.61 20.35 -22.45
C GLY A 216 -4.22 20.93 -23.72
N GLY A 217 -3.44 21.72 -24.43
CA GLY A 217 -3.95 22.30 -25.65
C GLY A 217 -2.86 22.65 -26.65
N VAL A 218 -3.30 22.82 -27.90
CA VAL A 218 -2.45 23.21 -29.01
C VAL A 218 -3.19 24.37 -29.66
N GLY A 219 -2.74 25.58 -29.36
CA GLY A 219 -3.39 26.78 -29.89
C GLY A 219 -3.19 27.08 -31.35
N ASN A 220 -2.05 26.66 -31.90
CA ASN A 220 -1.74 26.92 -33.31
C ASN A 220 -1.15 25.67 -33.96
N ALA A 221 -1.89 25.13 -34.94
CA ALA A 221 -1.48 23.93 -35.66
C ALA A 221 -0.12 24.01 -36.34
N ALA A 222 0.35 25.23 -36.59
CA ALA A 222 1.64 25.45 -37.23
C ALA A 222 2.80 25.17 -36.29
N GLU A 223 2.57 25.35 -34.99
CA GLU A 223 3.60 25.12 -33.98
C GLU A 223 3.19 23.92 -33.12
N PHE A 224 2.89 22.83 -33.81
CA PHE A 224 2.45 21.59 -33.20
C PHE A 224 3.46 20.88 -32.30
N GLU A 225 2.93 20.19 -31.30
CA GLU A 225 3.70 19.40 -30.32
C GLU A 225 2.73 18.45 -29.63
N THR A 226 3.24 17.32 -29.15
CA THR A 226 2.42 16.35 -28.45
C THR A 226 2.39 16.63 -26.96
N HIS A 227 1.42 16.03 -26.27
CA HIS A 227 1.26 16.16 -24.82
C HIS A 227 0.82 14.78 -24.38
N ASP A 228 1.79 13.87 -24.32
CA ASP A 228 1.56 12.49 -23.98
C ASP A 228 1.97 12.08 -22.59
N VAL A 229 1.05 11.52 -21.81
CA VAL A 229 1.41 11.04 -20.48
C VAL A 229 1.49 9.50 -20.61
N LEU A 230 2.62 8.95 -20.18
CA LEU A 230 2.92 7.54 -20.28
C LEU A 230 2.43 6.63 -19.16
N SER A 231 2.39 7.17 -17.95
CA SER A 231 1.95 6.42 -16.78
C SER A 231 1.47 7.39 -15.72
N TRP A 232 0.72 6.88 -14.75
CA TRP A 232 0.17 7.74 -13.72
C TRP A 232 -0.12 6.99 -12.43
N TYR A 233 0.43 7.51 -11.34
CA TYR A 233 0.24 6.95 -10.02
C TYR A 233 -0.34 8.07 -9.15
N PHE A 234 -1.35 7.75 -8.35
CA PHE A 234 -1.97 8.74 -7.48
C PHE A 234 -2.44 8.10 -6.19
N THR A 235 -2.33 8.86 -5.11
CA THR A 235 -2.76 8.40 -3.79
C THR A 235 -3.11 9.60 -2.93
N SER A 236 -4.24 9.52 -2.25
CA SER A 236 -4.67 10.59 -1.36
C SER A 236 -5.10 9.96 -0.05
N ASN A 237 -5.12 10.75 1.01
CA ASN A 237 -5.50 10.24 2.32
C ASN A 237 -5.93 11.35 3.27
N LEU A 238 -7.15 11.21 3.81
CA LEU A 238 -7.72 12.17 4.75
C LEU A 238 -7.24 11.94 6.20
N GLU A 239 -6.49 12.92 6.72
N SER B 3 3.04 0.11 -7.24
CA SER B 3 2.08 -0.59 -6.39
C SER B 3 0.99 -1.29 -7.20
N ASP B 4 -0.08 -1.69 -6.51
CA ASP B 4 -1.23 -2.38 -7.12
C ASP B 4 -2.03 -1.43 -8.01
N ASP B 5 -2.80 -2.01 -8.94
CA ASP B 5 -3.62 -1.21 -9.85
C ASP B 5 -4.64 -0.30 -9.14
N LEU B 6 -5.37 -0.85 -8.18
CA LEU B 6 -6.35 -0.06 -7.45
C LEU B 6 -6.45 -0.49 -5.99
N SER B 7 -6.79 0.47 -5.14
CA SER B 7 -6.91 0.22 -3.71
C SER B 7 -7.64 1.36 -3.02
N PHE B 8 -8.83 1.09 -2.49
CA PHE B 8 -9.59 2.12 -1.77
C PHE B 8 -10.10 1.60 -0.44
N ASN B 9 -10.34 2.51 0.49
CA ASN B 9 -10.82 2.14 1.82
C ASN B 9 -11.77 3.17 2.40
N PHE B 10 -12.92 2.70 2.89
CA PHE B 10 -13.93 3.55 3.50
C PHE B 10 -14.12 3.03 4.92
N ASP B 11 -13.75 3.82 5.92
CA ASP B 11 -13.91 3.42 7.31
C ASP B 11 -15.34 3.64 7.76
N LYS B 12 -15.97 4.62 7.11
CA LYS B 12 -17.35 4.99 7.36
C LYS B 12 -17.79 5.65 6.06
N PHE B 13 -19.09 5.82 5.89
CA PHE B 13 -19.59 6.46 4.68
C PHE B 13 -20.14 7.84 5.03
N VAL B 14 -20.29 8.70 4.03
CA VAL B 14 -20.81 10.05 4.22
C VAL B 14 -22.05 10.22 3.36
N PRO B 15 -23.05 10.96 3.86
CA PRO B 15 -24.30 11.20 3.13
C PRO B 15 -24.01 11.75 1.74
N ASN B 16 -24.55 11.07 0.73
CA ASN B 16 -24.34 11.46 -0.67
C ASN B 16 -22.85 11.48 -1.02
N GLN B 17 -22.21 10.35 -0.75
CA GLN B 17 -20.81 10.14 -1.04
C GLN B 17 -20.72 10.16 -2.55
N LYS B 18 -19.90 11.05 -3.09
CA LYS B 18 -19.79 11.17 -4.54
C LYS B 18 -18.98 10.12 -5.30
N ASN B 19 -18.35 9.18 -4.61
CA ASN B 19 -17.60 8.15 -5.30
C ASN B 19 -18.28 6.79 -5.19
N ILE B 20 -19.57 6.84 -4.85
CA ILE B 20 -20.40 5.64 -4.75
C ILE B 20 -21.63 5.98 -5.58
N ILE B 21 -22.02 5.06 -6.46
CA ILE B 21 -23.20 5.27 -7.28
C ILE B 21 -24.34 4.55 -6.59
N PHE B 22 -25.39 5.31 -6.26
CA PHE B 22 -26.54 4.73 -5.59
C PHE B 22 -27.66 4.39 -6.57
N GLN B 23 -28.08 3.13 -6.55
CA GLN B 23 -29.15 2.67 -7.42
C GLN B 23 -30.26 2.13 -6.54
N GLY B 24 -31.51 2.34 -6.96
CA GLY B 24 -32.62 1.86 -6.16
C GLY B 24 -32.78 2.67 -4.88
N ASP B 25 -33.08 1.98 -3.79
CA ASP B 25 -33.29 2.64 -2.51
C ASP B 25 -32.05 2.77 -1.63
N ALA B 26 -30.88 2.43 -2.17
CA ALA B 26 -29.64 2.52 -1.42
C ALA B 26 -29.27 3.96 -1.09
N SER B 27 -28.72 4.15 0.11
CA SER B 27 -28.31 5.47 0.58
C SER B 27 -27.46 5.30 1.83
N VAL B 28 -26.89 6.40 2.32
CA VAL B 28 -26.08 6.34 3.54
C VAL B 28 -26.66 7.29 4.59
N SER B 29 -27.03 6.71 5.73
CA SER B 29 -27.60 7.45 6.84
C SER B 29 -26.65 8.49 7.43
N THR B 30 -27.18 9.34 8.30
CA THR B 30 -26.37 10.37 8.95
C THR B 30 -25.36 9.79 9.93
N THR B 31 -25.58 8.55 10.36
CA THR B 31 -24.66 7.88 11.28
C THR B 31 -23.47 7.26 10.52
N GLY B 32 -23.44 7.50 9.20
CA GLY B 32 -22.37 7.02 8.36
C GLY B 32 -22.38 5.57 7.92
N VAL B 33 -23.56 4.95 7.85
CA VAL B 33 -23.64 3.55 7.42
C VAL B 33 -24.38 3.45 6.10
N LEU B 34 -23.91 2.56 5.24
CA LEU B 34 -24.51 2.34 3.94
C LEU B 34 -25.69 1.41 4.12
N GLN B 35 -26.89 1.96 3.97
CA GLN B 35 -28.11 1.18 4.08
C GLN B 35 -28.52 0.82 2.65
N VAL B 36 -28.01 -0.29 2.15
CA VAL B 36 -28.30 -0.72 0.78
C VAL B 36 -29.78 -0.93 0.59
N THR B 37 -30.45 -1.32 1.67
CA THR B 37 -31.88 -1.55 1.70
C THR B 37 -32.49 -0.45 2.57
N LYS B 38 -33.62 0.09 2.11
CA LYS B 38 -34.32 1.16 2.81
C LYS B 38 -34.83 0.79 4.19
N VAL B 39 -34.64 1.71 5.14
CA VAL B 39 -35.11 1.50 6.53
C VAL B 39 -35.96 2.73 6.90
N SER B 40 -37.22 2.53 7.26
CA SER B 40 -38.09 3.66 7.59
C SER B 40 -39.19 3.35 8.60
N LYS B 41 -39.81 4.42 9.16
CA LYS B 41 -40.88 4.32 10.16
C LYS B 41 -41.84 3.21 9.79
N PRO B 42 -42.67 3.39 8.72
CA PRO B 42 -43.46 2.22 8.34
C PRO B 42 -42.57 1.47 7.32
N THR B 43 -42.21 0.24 7.65
CA THR B 43 -41.35 -0.55 6.78
C THR B 43 -41.96 -0.78 5.39
N THR B 44 -41.12 -0.88 4.36
CA THR B 44 -41.58 -1.11 2.98
C THR B 44 -40.69 -2.05 2.15
N THR B 45 -41.27 -2.61 1.09
CA THR B 45 -40.56 -3.49 0.15
C THR B 45 -39.42 -2.64 -0.41
N SER B 46 -38.27 -3.25 -0.68
CA SER B 46 -37.14 -2.47 -1.18
C SER B 46 -36.06 -3.23 -1.92
N ILE B 47 -35.38 -2.52 -2.82
CA ILE B 47 -34.26 -3.06 -3.61
C ILE B 47 -33.28 -1.91 -3.79
N GLY B 48 -31.99 -2.19 -3.58
CA GLY B 48 -30.99 -1.16 -3.73
C GLY B 48 -29.62 -1.72 -4.04
N ARG B 49 -28.79 -0.91 -4.70
CA ARG B 49 -27.43 -1.30 -5.05
C ARG B 49 -26.53 -0.07 -4.89
N ALA B 50 -25.27 -0.30 -4.58
CA ALA B 50 -24.31 0.78 -4.42
C ALA B 50 -23.02 0.29 -5.06
N LEU B 51 -22.51 1.05 -6.02
CA LEU B 51 -21.28 0.67 -6.70
C LEU B 51 -20.21 1.73 -6.53
N TYR B 52 -18.95 1.32 -6.58
CA TYR B 52 -17.86 2.27 -6.51
C TYR B 52 -17.97 3.00 -7.86
N ALA B 53 -17.86 4.32 -7.82
CA ALA B 53 -17.98 5.16 -9.02
C ALA B 53 -17.11 4.89 -10.25
N ALA B 54 -15.98 4.21 -10.08
CA ALA B 54 -15.10 3.95 -11.22
C ALA B 54 -14.99 2.48 -11.60
N PRO B 55 -15.07 2.17 -12.90
CA PRO B 55 -14.91 0.80 -13.38
C PRO B 55 -13.51 0.27 -13.04
N ILE B 56 -13.41 -1.05 -12.98
CA ILE B 56 -12.17 -1.71 -12.65
C ILE B 56 -11.86 -2.69 -13.76
N GLN B 57 -10.61 -2.72 -14.22
CA GLN B 57 -10.23 -3.67 -15.26
C GLN B 57 -9.88 -4.98 -14.58
N ILE B 58 -10.77 -5.95 -14.74
CA ILE B 58 -10.62 -7.27 -14.12
C ILE B 58 -9.75 -8.24 -14.94
N TRP B 59 -9.58 -7.96 -16.24
CA TRP B 59 -8.73 -8.78 -17.10
C TRP B 59 -8.38 -8.04 -18.38
N ASP B 60 -7.21 -8.35 -18.95
CA ASP B 60 -6.73 -7.70 -20.17
C ASP B 60 -6.75 -8.64 -21.36
N SER B 61 -7.46 -8.23 -22.42
CA SER B 61 -7.56 -9.04 -23.64
C SER B 61 -6.25 -9.03 -24.44
N ILE B 62 -5.47 -7.96 -24.29
CA ILE B 62 -4.19 -7.84 -24.99
C ILE B 62 -3.21 -8.89 -24.46
N THR B 63 -2.84 -8.77 -23.19
CA THR B 63 -1.89 -9.66 -22.52
C THR B 63 -2.44 -11.00 -22.05
N GLY B 64 -3.76 -11.09 -21.86
CA GLY B 64 -4.36 -12.34 -21.40
C GLY B 64 -4.44 -12.42 -19.87
N LYS B 65 -3.74 -11.50 -19.19
CA LYS B 65 -3.71 -11.41 -17.72
C LYS B 65 -5.08 -11.31 -17.05
N VAL B 66 -5.19 -11.89 -15.86
CA VAL B 66 -6.41 -11.81 -15.07
C VAL B 66 -6.03 -11.17 -13.73
N ALA B 67 -6.94 -10.40 -13.16
CA ALA B 67 -6.67 -9.72 -11.90
C ALA B 67 -6.98 -10.52 -10.66
N SER B 68 -6.18 -10.30 -9.62
CA SER B 68 -6.42 -10.92 -8.33
C SER B 68 -6.98 -9.76 -7.52
N PHE B 69 -7.95 -10.03 -6.67
CA PHE B 69 -8.50 -8.96 -5.85
C PHE B 69 -8.84 -9.47 -4.47
N ALA B 70 -8.99 -8.55 -3.54
CA ALA B 70 -9.35 -8.88 -2.17
C ALA B 70 -10.22 -7.74 -1.68
N THR B 71 -11.21 -8.08 -0.89
CA THR B 71 -12.10 -7.07 -0.35
C THR B 71 -12.47 -7.45 1.06
N SER B 72 -12.72 -6.45 1.88
CA SER B 72 -13.09 -6.68 3.27
C SER B 72 -14.17 -5.68 3.62
N PHE B 73 -15.19 -6.15 4.32
CA PHE B 73 -16.27 -5.28 4.73
C PHE B 73 -16.98 -5.87 5.94
N SER B 74 -17.69 -5.02 6.66
CA SER B 74 -18.41 -5.45 7.84
C SER B 74 -19.84 -5.03 7.66
N PHE B 75 -20.75 -5.96 7.87
CA PHE B 75 -22.16 -5.65 7.70
C PHE B 75 -22.99 -6.14 8.87
N VAL B 76 -24.21 -5.62 8.94
CA VAL B 76 -25.18 -5.98 9.98
C VAL B 76 -26.51 -6.18 9.31
N VAL B 77 -27.21 -7.23 9.75
CA VAL B 77 -28.54 -7.53 9.24
C VAL B 77 -29.39 -7.71 10.49
N LYS B 78 -30.13 -6.67 10.83
CA LYS B 78 -31.00 -6.67 12.00
C LYS B 78 -32.46 -6.83 11.60
N ALA B 79 -33.07 -7.91 12.06
CA ALA B 79 -34.47 -8.19 11.77
C ALA B 79 -35.37 -7.82 12.95
N ASP B 80 -36.57 -7.35 12.65
CA ASP B 80 -37.54 -6.96 13.70
C ASP B 80 -38.00 -8.19 14.47
N LYS B 81 -38.47 -9.20 13.75
CA LYS B 81 -38.92 -10.44 14.38
C LYS B 81 -37.66 -11.29 14.52
N SER B 82 -37.80 -12.61 14.59
CA SER B 82 -36.63 -13.48 14.71
C SER B 82 -36.14 -13.87 13.31
N ASP B 83 -36.81 -13.35 12.30
CA ASP B 83 -36.48 -13.63 10.92
C ASP B 83 -36.73 -12.46 10.00
N GLY B 84 -35.99 -12.43 8.91
CA GLY B 84 -36.13 -11.37 7.94
C GLY B 84 -35.80 -11.85 6.54
N VAL B 85 -35.99 -10.94 5.59
CA VAL B 85 -35.75 -11.19 4.17
C VAL B 85 -35.14 -9.90 3.62
N ASP B 86 -34.43 -9.94 2.49
CA ASP B 86 -34.18 -11.14 1.70
C ASP B 86 -32.72 -11.56 1.68
N GLY B 87 -31.83 -10.60 1.95
CA GLY B 87 -30.41 -10.89 1.94
C GLY B 87 -29.59 -9.75 1.36
N LEU B 88 -28.28 -9.95 1.32
CA LEU B 88 -27.34 -8.97 0.84
C LEU B 88 -26.33 -9.65 -0.07
N ALA B 89 -25.72 -8.89 -0.97
CA ALA B 89 -24.75 -9.48 -1.88
C ALA B 89 -23.64 -8.53 -2.30
N PHE B 90 -22.45 -9.10 -2.47
CA PHE B 90 -21.30 -8.35 -2.96
C PHE B 90 -21.18 -8.87 -4.39
N PHE B 91 -20.99 -7.99 -5.36
CA PHE B 91 -20.92 -8.45 -6.74
C PHE B 91 -20.02 -7.68 -7.69
N LEU B 92 -19.74 -8.33 -8.82
CA LEU B 92 -18.96 -7.78 -9.91
C LEU B 92 -19.90 -7.90 -11.12
N ALA B 93 -20.16 -6.78 -11.79
CA ALA B 93 -21.05 -6.76 -12.94
C ALA B 93 -20.44 -5.89 -14.04
N PRO B 94 -21.03 -5.90 -15.25
CA PRO B 94 -20.50 -5.08 -16.34
C PRO B 94 -20.45 -3.62 -15.89
N ALA B 95 -19.44 -2.88 -16.36
CA ALA B 95 -19.25 -1.48 -16.01
C ALA B 95 -20.51 -0.64 -16.11
N ASN B 96 -20.83 0.04 -15.02
CA ASN B 96 -21.99 0.93 -14.93
C ASN B 96 -23.34 0.28 -15.27
N SER B 97 -23.49 -0.99 -14.90
CA SER B 97 -24.73 -1.68 -15.18
C SER B 97 -25.84 -1.14 -14.27
N GLN B 98 -27.08 -1.27 -14.75
CA GLN B 98 -28.24 -0.78 -14.02
C GLN B 98 -29.03 -1.96 -13.46
N ILE B 99 -29.94 -1.67 -12.53
CA ILE B 99 -30.78 -2.72 -11.95
C ILE B 99 -31.64 -3.26 -13.10
N PRO B 100 -31.56 -4.58 -13.34
CA PRO B 100 -32.31 -5.24 -14.42
C PRO B 100 -33.79 -4.95 -14.29
N SER B 101 -34.43 -4.74 -15.43
CA SER B 101 -35.86 -4.45 -15.48
C SER B 101 -36.61 -5.70 -14.99
N GLY B 102 -37.55 -5.48 -14.07
CA GLY B 102 -38.32 -6.59 -13.53
C GLY B 102 -37.56 -7.52 -12.62
N SER B 103 -36.77 -6.94 -11.72
CA SER B 103 -35.99 -7.74 -10.79
C SER B 103 -36.72 -7.76 -9.44
N SER B 104 -36.48 -8.79 -8.65
CA SER B 104 -37.11 -8.90 -7.36
C SER B 104 -36.07 -8.92 -6.25
N ALA B 105 -36.54 -8.73 -5.01
CA ALA B 105 -35.66 -8.73 -3.85
C ALA B 105 -34.92 -10.05 -3.72
N GLY B 106 -35.63 -11.15 -4.04
CA GLY B 106 -35.03 -12.47 -3.95
C GLY B 106 -33.86 -12.67 -4.90
N MET B 107 -33.76 -11.77 -5.89
CA MET B 107 -32.67 -11.83 -6.86
C MET B 107 -31.67 -10.70 -6.62
N PHE B 108 -31.88 -9.99 -5.51
CA PHE B 108 -31.02 -8.90 -5.05
C PHE B 108 -30.76 -7.79 -6.06
N GLY B 109 -31.70 -7.60 -7.00
CA GLY B 109 -31.53 -6.58 -8.01
C GLY B 109 -30.38 -6.87 -8.96
N LEU B 110 -30.08 -8.15 -9.13
CA LEU B 110 -29.00 -8.56 -10.01
C LEU B 110 -29.49 -9.37 -11.19
N PHE B 111 -30.65 -10.01 -11.06
CA PHE B 111 -31.20 -10.84 -12.13
C PHE B 111 -32.65 -10.55 -12.52
N SER B 112 -32.92 -10.71 -13.82
CA SER B 112 -34.25 -10.51 -14.42
C SER B 112 -35.07 -11.78 -14.25
N SER B 113 -34.39 -12.92 -14.23
CA SER B 113 -35.05 -14.22 -14.10
C SER B 113 -34.25 -15.20 -13.24
N SER B 114 -34.67 -16.46 -13.24
CA SER B 114 -33.98 -17.51 -12.48
C SER B 114 -33.21 -18.47 -13.40
N ASP B 115 -33.01 -18.07 -14.65
CA ASP B 115 -32.28 -18.86 -15.62
C ASP B 115 -30.79 -18.65 -15.40
N SER B 116 -29.98 -19.36 -16.18
CA SER B 116 -28.53 -19.24 -16.07
C SER B 116 -27.98 -18.67 -17.37
N LYS B 117 -28.52 -17.53 -17.79
CA LYS B 117 -28.09 -16.86 -19.02
C LYS B 117 -26.64 -16.39 -18.97
N SER B 118 -25.89 -16.73 -20.01
CA SER B 118 -24.47 -16.38 -20.14
C SER B 118 -24.24 -14.87 -20.28
N SER B 119 -25.24 -14.16 -20.81
CA SER B 119 -25.18 -12.73 -21.03
C SER B 119 -25.34 -11.89 -19.76
N ASN B 120 -25.74 -12.52 -18.66
CA ASN B 120 -25.90 -11.81 -17.39
C ASN B 120 -24.58 -11.17 -16.95
N GLN B 121 -23.48 -11.91 -17.15
CA GLN B 121 -22.13 -11.48 -16.80
C GLN B 121 -22.04 -10.95 -15.38
N ILE B 122 -22.44 -11.79 -14.43
CA ILE B 122 -22.44 -11.43 -13.03
C ILE B 122 -21.87 -12.49 -12.11
N ILE B 123 -21.02 -12.05 -11.20
CA ILE B 123 -20.43 -12.93 -10.19
C ILE B 123 -20.76 -12.25 -8.88
N ALA B 124 -21.36 -12.99 -7.96
CA ALA B 124 -21.73 -12.40 -6.70
C ALA B 124 -21.64 -13.38 -5.56
N VAL B 125 -21.38 -12.85 -4.38
CA VAL B 125 -21.33 -13.64 -3.17
C VAL B 125 -22.54 -13.16 -2.40
N GLU B 126 -23.51 -14.06 -2.23
CA GLU B 126 -24.73 -13.70 -1.53
C GLU B 126 -24.79 -14.19 -0.09
N PHE B 127 -25.49 -13.42 0.73
CA PHE B 127 -25.72 -13.75 2.13
C PHE B 127 -27.24 -13.76 2.19
N ASP B 128 -27.78 -14.90 1.76
CA ASP B 128 -29.21 -15.18 1.64
C ASP B 128 -29.92 -15.51 2.95
N THR B 129 -30.87 -14.67 3.36
CA THR B 129 -31.61 -14.88 4.60
C THR B 129 -32.96 -15.58 4.41
N TYR B 130 -33.51 -15.52 3.20
CA TYR B 130 -34.79 -16.14 2.89
C TYR B 130 -34.60 -17.33 1.96
N PHE B 131 -35.20 -18.46 2.30
CA PHE B 131 -35.07 -19.67 1.50
C PHE B 131 -36.37 -20.42 1.28
N GLY B 132 -37.51 -19.75 1.48
CA GLY B 132 -38.81 -20.38 1.30
C GLY B 132 -38.95 -21.02 -0.06
N LYS B 133 -39.26 -22.31 -0.09
CA LYS B 133 -39.42 -23.07 -1.35
C LYS B 133 -40.53 -22.55 -2.25
N ALA B 134 -41.55 -21.93 -1.66
CA ALA B 134 -42.67 -21.40 -2.42
C ALA B 134 -42.19 -20.30 -3.36
N TYR B 135 -41.39 -19.38 -2.84
CA TYR B 135 -40.88 -18.28 -3.64
C TYR B 135 -39.45 -18.36 -4.14
N ASN B 136 -38.57 -19.04 -3.40
CA ASN B 136 -37.16 -19.20 -3.80
C ASN B 136 -36.84 -20.69 -3.94
N PRO B 137 -37.44 -21.38 -4.93
CA PRO B 137 -37.22 -22.81 -5.12
C PRO B 137 -35.78 -23.27 -5.37
N TRP B 138 -34.93 -22.33 -5.77
CA TRP B 138 -33.51 -22.61 -6.07
C TRP B 138 -32.64 -22.71 -4.80
N ASP B 139 -33.07 -22.07 -3.73
CA ASP B 139 -32.34 -22.05 -2.47
C ASP B 139 -32.35 -23.35 -1.67
N PRO B 140 -31.29 -23.60 -0.87
CA PRO B 140 -31.21 -24.79 -0.01
C PRO B 140 -32.10 -24.54 1.20
N ASP B 141 -32.20 -25.50 2.12
CA ASP B 141 -33.08 -25.37 3.29
C ASP B 141 -32.54 -24.67 4.53
N PHE B 142 -31.81 -23.58 4.32
CA PHE B 142 -31.22 -22.82 5.43
C PHE B 142 -30.64 -21.51 4.94
N LYS B 143 -30.41 -20.58 5.87
CA LYS B 143 -29.80 -19.30 5.53
C LYS B 143 -28.39 -19.69 5.06
N HIS B 144 -27.96 -19.15 3.93
CA HIS B 144 -26.67 -19.52 3.36
C HIS B 144 -25.81 -18.41 2.78
N ILE B 145 -24.60 -18.80 2.42
CA ILE B 145 -23.63 -17.93 1.76
C ILE B 145 -23.47 -18.68 0.45
N GLY B 146 -23.67 -18.01 -0.67
CA GLY B 146 -23.53 -18.68 -1.93
C GLY B 146 -22.73 -17.92 -2.97
N ILE B 147 -22.00 -18.68 -3.79
CA ILE B 147 -21.19 -18.10 -4.87
C ILE B 147 -22.09 -18.19 -6.10
N ASP B 148 -22.54 -17.03 -6.59
CA ASP B 148 -23.41 -17.00 -7.75
C ASP B 148 -22.64 -16.64 -9.00
N VAL B 149 -22.83 -17.43 -10.06
CA VAL B 149 -22.17 -17.17 -11.32
C VAL B 149 -23.21 -17.18 -12.44
N ASN B 150 -23.62 -15.98 -12.87
CA ASN B 150 -24.62 -15.81 -13.93
C ASN B 150 -26.02 -16.31 -13.60
N SER B 151 -26.26 -16.67 -12.34
CA SER B 151 -27.56 -17.19 -11.94
C SER B 151 -27.79 -17.06 -10.44
N ILE B 152 -29.04 -16.87 -10.05
CA ILE B 152 -29.41 -16.74 -8.64
C ILE B 152 -29.31 -18.10 -7.93
N LYS B 153 -29.19 -19.17 -8.73
CA LYS B 153 -29.03 -20.52 -8.22
C LYS B 153 -27.53 -20.70 -8.08
N SER B 154 -27.05 -20.53 -6.85
CA SER B 154 -25.63 -20.60 -6.50
C SER B 154 -24.99 -21.90 -6.94
N ILE B 155 -23.73 -21.83 -7.38
CA ILE B 155 -22.99 -23.01 -7.83
C ILE B 155 -22.46 -23.78 -6.62
N LYS B 156 -22.40 -23.10 -5.48
CA LYS B 156 -21.93 -23.69 -4.23
C LYS B 156 -22.38 -22.84 -3.07
N THR B 157 -22.92 -23.48 -2.05
CA THR B 157 -23.39 -22.77 -0.86
C THR B 157 -22.85 -23.42 0.40
N VAL B 158 -23.10 -22.75 1.52
CA VAL B 158 -22.66 -23.23 2.82
C VAL B 158 -23.62 -22.60 3.83
N LYS B 159 -23.92 -23.33 4.90
CA LYS B 159 -24.81 -22.80 5.91
C LYS B 159 -24.22 -21.55 6.57
N TRP B 160 -25.05 -20.51 6.66
CA TRP B 160 -24.65 -19.26 7.26
C TRP B 160 -25.32 -19.13 8.63
N ASP B 161 -24.50 -19.18 9.68
CA ASP B 161 -25.00 -19.08 11.05
C ASP B 161 -25.24 -17.63 11.43
N TRP B 162 -26.17 -17.02 10.71
CA TRP B 162 -26.55 -15.63 10.91
C TRP B 162 -26.91 -15.28 12.35
N ARG B 163 -26.38 -14.16 12.82
CA ARG B 163 -26.66 -13.67 14.16
C ARG B 163 -27.38 -12.34 13.99
N ASN B 164 -28.62 -12.28 14.48
CA ASN B 164 -29.46 -11.10 14.39
C ASN B 164 -28.83 -9.89 15.06
N GLY B 165 -28.67 -8.81 14.31
CA GLY B 165 -28.13 -7.57 14.85
C GLY B 165 -26.65 -7.49 15.14
N GLU B 166 -25.94 -8.60 15.01
CA GLU B 166 -24.51 -8.62 15.27
C GLU B 166 -23.69 -8.23 14.04
N VAL B 167 -22.53 -7.62 14.27
CA VAL B 167 -21.64 -7.21 13.19
C VAL B 167 -20.82 -8.38 12.68
N ALA B 168 -20.84 -8.59 11.37
CA ALA B 168 -20.09 -9.67 10.73
C ALA B 168 -18.96 -9.08 9.91
N ASP B 169 -17.76 -9.66 10.04
CA ASP B 169 -16.59 -9.24 9.28
C ASP B 169 -16.39 -10.23 8.15
N VAL B 170 -16.27 -9.73 6.93
CA VAL B 170 -16.09 -10.60 5.77
C VAL B 170 -14.84 -10.24 4.99
N VAL B 171 -14.16 -11.27 4.50
CA VAL B 171 -12.96 -11.09 3.70
C VAL B 171 -13.12 -12.01 2.50
N ILE B 172 -13.09 -11.44 1.30
CA ILE B 172 -13.22 -12.23 0.10
C ILE B 172 -11.95 -12.04 -0.69
N THR B 173 -11.38 -13.14 -1.16
CA THR B 173 -10.16 -13.07 -1.94
C THR B 173 -10.29 -13.90 -3.19
N TYR B 174 -9.75 -13.38 -4.28
CA TYR B 174 -9.75 -14.09 -5.53
C TYR B 174 -8.31 -14.12 -5.98
N ARG B 175 -7.79 -15.32 -6.18
CA ARG B 175 -6.41 -15.50 -6.62
C ARG B 175 -6.42 -16.01 -8.05
N ALA B 176 -6.13 -15.11 -8.98
CA ALA B 176 -6.13 -15.42 -10.40
C ALA B 176 -5.40 -16.68 -10.81
N PRO B 177 -4.12 -16.85 -10.39
CA PRO B 177 -3.39 -18.06 -10.78
C PRO B 177 -4.10 -19.39 -10.50
N THR B 178 -4.81 -19.49 -9.39
CA THR B 178 -5.52 -20.73 -9.07
C THR B 178 -7.02 -20.64 -9.27
N LYS B 179 -7.52 -19.49 -9.76
CA LYS B 179 -8.95 -19.27 -10.01
C LYS B 179 -9.78 -19.58 -8.76
N SER B 180 -9.21 -19.31 -7.59
CA SER B 180 -9.86 -19.59 -6.32
C SER B 180 -10.53 -18.39 -5.65
N LEU B 181 -11.84 -18.49 -5.45
CA LEU B 181 -12.60 -17.44 -4.78
C LEU B 181 -12.96 -17.95 -3.38
N THR B 182 -12.48 -17.26 -2.35
CA THR B 182 -12.74 -17.68 -0.97
C THR B 182 -13.48 -16.62 -0.15
N VAL B 183 -14.54 -17.04 0.53
CA VAL B 183 -15.32 -16.14 1.37
C VAL B 183 -15.08 -16.52 2.82
N CYS B 184 -14.68 -15.54 3.61
CA CYS B 184 -14.35 -15.73 5.00
C CYS B 184 -15.21 -14.86 5.90
N LEU B 185 -16.21 -15.43 6.55
CA LEU B 185 -17.07 -14.64 7.43
C LEU B 185 -16.93 -15.01 8.89
N SER B 186 -16.91 -14.01 9.76
CA SER B 186 -16.81 -14.24 11.19
C SER B 186 -17.55 -13.20 12.01
N TYR B 187 -18.00 -13.62 13.19
CA TYR B 187 -18.72 -12.74 14.12
C TYR B 187 -17.86 -12.54 15.36
N PRO B 188 -17.19 -11.38 15.47
CA PRO B 188 -16.35 -11.11 16.65
C PRO B 188 -17.10 -11.25 17.98
N SER B 189 -18.41 -11.01 17.94
CA SER B 189 -19.28 -11.08 19.11
C SER B 189 -19.21 -12.42 19.85
N ASP B 190 -19.31 -13.53 19.12
CA ASP B 190 -19.27 -14.86 19.73
C ASP B 190 -18.33 -15.88 19.09
N GLY B 191 -17.53 -15.44 18.12
CA GLY B 191 -16.60 -16.34 17.46
C GLY B 191 -17.18 -17.26 16.39
N THR B 192 -18.42 -17.03 15.97
CA THR B 192 -19.04 -17.85 14.92
C THR B 192 -18.35 -17.55 13.59
N SER B 193 -18.00 -18.60 12.85
CA SER B 193 -17.32 -18.42 11.58
C SER B 193 -17.81 -19.36 10.50
N ASN B 194 -17.94 -18.84 9.29
CA ASN B 194 -18.38 -19.64 8.15
C ASN B 194 -17.41 -19.36 7.00
N ILE B 195 -17.13 -20.38 6.20
CA ILE B 195 -16.20 -20.20 5.09
C ILE B 195 -16.66 -21.02 3.89
N ILE B 196 -16.30 -20.56 2.71
CA ILE B 196 -16.67 -21.23 1.47
C ILE B 196 -15.67 -20.85 0.37
N THR B 197 -15.32 -21.81 -0.47
CA THR B 197 -14.37 -21.59 -1.57
C THR B 197 -14.89 -22.25 -2.83
N ALA B 198 -14.69 -21.62 -3.97
CA ALA B 198 -15.12 -22.19 -5.25
C ALA B 198 -14.18 -21.75 -6.36
N SER B 199 -14.19 -22.47 -7.48
CA SER B 199 -13.36 -22.12 -8.63
C SER B 199 -14.17 -21.31 -9.60
N VAL B 200 -13.63 -20.18 -10.03
CA VAL B 200 -14.32 -19.30 -10.96
C VAL B 200 -13.30 -18.66 -11.88
N ASP B 201 -13.56 -18.73 -13.18
CA ASP B 201 -12.66 -18.11 -14.15
C ASP B 201 -13.30 -16.79 -14.55
N LEU B 202 -12.83 -15.69 -13.98
CA LEU B 202 -13.38 -14.37 -14.28
C LEU B 202 -13.36 -14.05 -15.76
N LYS B 203 -12.27 -14.43 -16.43
CA LYS B 203 -12.12 -14.18 -17.86
C LYS B 203 -13.24 -14.81 -18.68
N ALA B 204 -13.73 -15.95 -18.20
CA ALA B 204 -14.79 -16.67 -18.88
C ALA B 204 -16.18 -16.10 -18.61
N ILE B 205 -16.36 -15.48 -17.45
CA ILE B 205 -17.67 -14.94 -17.09
C ILE B 205 -17.89 -13.45 -17.30
N LEU B 206 -16.94 -12.63 -16.86
CA LEU B 206 -17.06 -11.18 -16.94
C LEU B 206 -16.37 -10.51 -18.13
N PRO B 207 -16.78 -9.27 -18.45
CA PRO B 207 -16.12 -8.49 -19.50
C PRO B 207 -14.83 -7.91 -18.88
N GLU B 208 -14.01 -7.21 -19.67
CA GLU B 208 -12.76 -6.64 -19.16
C GLU B 208 -12.98 -5.60 -18.06
N TRP B 209 -13.97 -4.74 -18.27
CA TRP B 209 -14.29 -3.67 -17.33
C TRP B 209 -15.56 -3.94 -16.56
N VAL B 210 -15.43 -3.96 -15.24
CA VAL B 210 -16.57 -4.22 -14.36
C VAL B 210 -16.72 -3.16 -13.27
N SER B 211 -17.88 -3.20 -12.62
CA SER B 211 -18.20 -2.31 -11.50
C SER B 211 -18.40 -3.25 -10.32
N VAL B 212 -17.94 -2.84 -9.13
CA VAL B 212 -18.10 -3.67 -7.94
C VAL B 212 -18.97 -2.96 -6.91
N GLY B 213 -19.69 -3.73 -6.11
CA GLY B 213 -20.54 -3.12 -5.11
C GLY B 213 -21.41 -4.07 -4.32
N PHE B 214 -22.41 -3.49 -3.65
CA PHE B 214 -23.33 -4.28 -2.85
C PHE B 214 -24.74 -4.06 -3.36
N SER B 215 -25.57 -5.07 -3.16
CA SER B 215 -26.97 -5.01 -3.54
C SER B 215 -27.72 -5.81 -2.50
N GLY B 216 -29.00 -5.54 -2.37
CA GLY B 216 -29.80 -6.25 -1.40
C GLY B 216 -31.27 -5.96 -1.61
N GLY B 217 -32.12 -6.73 -0.95
CA GLY B 217 -33.54 -6.50 -1.10
C GLY B 217 -34.36 -6.98 0.07
N VAL B 218 -35.58 -6.45 0.16
CA VAL B 218 -36.54 -6.81 1.18
C VAL B 218 -37.81 -7.11 0.40
N GLY B 219 -38.08 -8.40 0.20
CA GLY B 219 -39.25 -8.81 -0.56
C GLY B 219 -40.61 -8.65 0.08
N ASN B 220 -40.66 -8.72 1.41
CA ASN B 220 -41.90 -8.60 2.16
C ASN B 220 -41.72 -7.69 3.37
N ALA B 221 -42.41 -6.55 3.35
CA ALA B 221 -42.33 -5.57 4.43
C ALA B 221 -42.69 -6.12 5.81
N ALA B 222 -43.43 -7.22 5.85
CA ALA B 222 -43.84 -7.83 7.11
C ALA B 222 -42.68 -8.54 7.80
N GLU B 223 -41.72 -9.02 7.01
CA GLU B 223 -40.55 -9.72 7.54
C GLU B 223 -39.31 -8.86 7.30
N PHE B 224 -39.40 -7.60 7.73
CA PHE B 224 -38.34 -6.63 7.58
C PHE B 224 -37.04 -6.91 8.32
N GLU B 225 -35.94 -6.45 7.72
CA GLU B 225 -34.59 -6.57 8.26
C GLU B 225 -33.71 -5.56 7.51
N THR B 226 -32.65 -5.11 8.17
CA THR B 226 -31.73 -4.16 7.56
C THR B 226 -30.60 -4.88 6.82
N HIS B 227 -29.91 -4.15 5.96
CA HIS B 227 -28.78 -4.68 5.20
C HIS B 227 -27.80 -3.51 5.16
N ASP B 228 -27.11 -3.33 6.29
CA ASP B 228 -26.18 -2.23 6.46
C ASP B 228 -24.71 -2.62 6.40
N VAL B 229 -23.96 -1.97 5.52
CA VAL B 229 -22.53 -2.24 5.46
C VAL B 229 -21.86 -1.03 6.14
N LEU B 230 -21.00 -1.34 7.10
CA LEU B 230 -20.32 -0.36 7.93
C LEU B 230 -19.01 0.23 7.39
N SER B 231 -18.26 -0.59 6.67
CA SER B 231 -16.99 -0.19 6.11
C SER B 231 -16.67 -1.07 4.91
N TRP B 232 -15.75 -0.61 4.07
CA TRP B 232 -15.40 -1.36 2.88
C TRP B 232 -13.99 -1.08 2.39
N TYR B 233 -13.22 -2.14 2.21
CA TYR B 233 -11.86 -2.06 1.71
C TYR B 233 -11.81 -2.95 0.48
N PHE B 234 -11.17 -2.44 -0.58
CA PHE B 234 -11.05 -3.20 -1.81
C PHE B 234 -9.72 -2.91 -2.50
N THR B 235 -9.16 -3.93 -3.13
CA THR B 235 -7.91 -3.79 -3.85
C THR B 235 -7.84 -4.86 -4.94
N SER B 236 -7.44 -4.45 -6.13
CA SER B 236 -7.30 -5.38 -7.25
C SER B 236 -5.95 -5.10 -7.91
N ASN B 237 -5.46 -6.09 -8.65
CA ASN B 237 -4.18 -5.94 -9.31
C ASN B 237 -4.02 -6.92 -10.47
N LEU B 238 -3.71 -6.36 -11.66
CA LEU B 238 -3.50 -7.14 -12.87
C LEU B 238 -2.07 -7.72 -12.98
N GLU B 239 -1.97 -9.05 -13.01
N SER C 3 1.53 -6.93 -3.40
CA SER C 3 2.05 -5.57 -3.25
C SER C 3 3.59 -5.52 -3.41
N ASP C 4 4.18 -4.40 -3.00
CA ASP C 4 5.62 -4.17 -3.09
C ASP C 4 6.39 -5.05 -2.10
N ASP C 5 7.67 -5.26 -2.37
CA ASP C 5 8.51 -6.07 -1.50
C ASP C 5 8.60 -5.57 -0.07
N LEU C 6 8.82 -4.27 0.12
CA LEU C 6 8.91 -3.70 1.46
C LEU C 6 8.35 -2.29 1.50
N SER C 7 7.81 -1.93 2.66
CA SER C 7 7.23 -0.61 2.85
C SER C 7 7.02 -0.32 4.34
N PHE C 8 7.74 0.66 4.88
CA PHE C 8 7.58 1.03 6.28
C PHE C 8 7.44 2.54 6.45
N ASN C 9 6.80 2.95 7.54
CA ASN C 9 6.60 4.36 7.80
C ASN C 9 6.63 4.69 9.28
N PHE C 10 7.43 5.71 9.63
CA PHE C 10 7.57 6.16 11.00
C PHE C 10 7.15 7.63 11.01
N ASP C 11 6.04 7.93 11.69
CA ASP C 11 5.56 9.32 11.78
C ASP C 11 6.33 10.06 12.83
N LYS C 12 6.82 9.31 13.81
CA LYS C 12 7.62 9.82 14.90
C LYS C 12 8.42 8.62 15.38
N PHE C 13 9.45 8.86 16.17
CA PHE C 13 10.26 7.76 16.68
C PHE C 13 10.01 7.59 18.17
N VAL C 14 10.35 6.43 18.70
CA VAL C 14 10.19 6.14 20.12
C VAL C 14 11.53 5.80 20.73
N PRO C 15 11.78 6.21 21.99
CA PRO C 15 13.04 5.96 22.68
C PRO C 15 13.37 4.48 22.64
N ASN C 16 14.56 4.16 22.15
CA ASN C 16 15.01 2.77 22.02
C ASN C 16 14.05 1.96 21.16
N GLN C 17 13.83 2.47 19.96
CA GLN C 17 12.97 1.84 18.97
C GLN C 17 13.71 0.57 18.58
N LYS C 18 13.05 -0.57 18.74
CA LYS C 18 13.69 -1.84 18.44
C LYS C 18 13.86 -2.26 16.99
N ASN C 19 13.32 -1.48 16.05
CA ASN C 19 13.49 -1.81 14.64
C ASN C 19 14.44 -0.85 13.94
N ILE C 20 15.23 -0.15 14.73
CA ILE C 20 16.22 0.78 14.24
C ILE C 20 17.50 0.39 14.97
N ILE C 21 18.59 0.24 14.23
CA ILE C 21 19.88 -0.10 14.84
C ILE C 21 20.62 1.19 15.03
N PHE C 22 20.99 1.48 16.27
CA PHE C 22 21.72 2.70 16.59
C PHE C 22 23.21 2.45 16.69
N GLN C 23 23.97 3.22 15.90
CA GLN C 23 25.41 3.11 15.88
C GLN C 23 25.99 4.46 16.25
N GLY C 24 27.10 4.46 16.98
CA GLY C 24 27.70 5.72 17.39
C GLY C 24 26.85 6.43 18.42
N ASP C 25 26.73 7.75 18.28
CA ASP C 25 25.97 8.56 19.22
C ASP C 25 24.50 8.77 18.87
N ALA C 26 24.02 8.07 17.85
CA ALA C 26 22.62 8.20 17.43
C ALA C 26 21.65 7.67 18.48
N SER C 27 20.53 8.35 18.62
CA SER C 27 19.50 7.98 19.57
C SER C 27 18.24 8.77 19.28
N VAL C 28 17.15 8.45 19.97
CA VAL C 28 15.90 9.18 19.78
C VAL C 28 15.44 9.79 21.12
N SER C 29 15.31 11.12 21.11
CA SER C 29 14.90 11.89 22.27
C SER C 29 13.49 11.55 22.73
N THR C 30 13.12 12.04 23.92
CA THR C 30 11.80 11.79 24.47
C THR C 30 10.70 12.50 23.68
N THR C 31 11.07 13.51 22.90
CA THR C 31 10.10 14.24 22.07
C THR C 31 9.82 13.49 20.77
N GLY C 32 10.42 12.31 20.64
CA GLY C 32 10.23 11.46 19.47
C GLY C 32 10.98 11.79 18.20
N VAL C 33 12.13 12.45 18.32
CA VAL C 33 12.91 12.77 17.13
C VAL C 33 14.23 12.01 17.12
N LEU C 34 14.63 11.56 15.94
CA LEU C 34 15.87 10.83 15.78
C LEU C 34 17.02 11.81 15.70
N GLN C 35 17.81 11.87 16.76
CA GLN C 35 18.97 12.76 16.81
C GLN C 35 20.18 11.91 16.41
N VAL C 36 20.45 11.84 15.10
CA VAL C 36 21.55 11.03 14.60
C VAL C 36 22.88 11.50 15.19
N THR C 37 22.94 12.79 15.47
CA THR C 37 24.11 13.42 16.06
C THR C 37 23.73 13.84 17.48
N LYS C 38 24.64 13.61 18.42
CA LYS C 38 24.44 13.92 19.83
C LYS C 38 24.21 15.40 20.13
N VAL C 39 23.23 15.68 20.99
CA VAL C 39 22.93 17.06 21.39
C VAL C 39 22.94 17.09 22.93
N SER C 40 23.86 17.88 23.48
CA SER C 40 24.01 18.00 24.94
C SER C 40 24.74 19.28 25.29
N LYS C 41 24.73 19.63 26.57
CA LYS C 41 25.40 20.82 27.07
C LYS C 41 26.27 20.39 28.25
N PRO C 42 27.61 20.54 28.12
CA PRO C 42 28.33 21.11 26.98
C PRO C 42 28.28 20.28 25.70
N THR C 43 28.37 20.98 24.57
CA THR C 43 28.34 20.37 23.24
C THR C 43 29.62 19.58 22.99
N THR C 44 29.53 18.52 22.19
CA THR C 44 30.69 17.68 21.91
C THR C 44 30.79 17.13 20.48
N THR C 45 32.01 16.74 20.08
CA THR C 45 32.28 16.13 18.77
C THR C 45 31.41 14.88 18.72
N SER C 46 30.89 14.55 17.55
CA SER C 46 30.00 13.38 17.45
C SER C 46 29.85 12.76 16.08
N ILE C 47 29.56 11.46 16.08
CA ILE C 47 29.31 10.68 14.87
C ILE C 47 28.25 9.65 15.23
N GLY C 48 27.26 9.48 14.35
CA GLY C 48 26.20 8.53 14.62
C GLY C 48 25.51 8.05 13.35
N ARG C 49 24.94 6.85 13.42
CA ARG C 49 24.22 6.27 12.30
C ARG C 49 23.03 5.51 12.85
N ALA C 50 21.97 5.42 12.06
CA ALA C 50 20.75 4.71 12.46
C ALA C 50 20.28 3.96 11.23
N LEU C 51 20.13 2.64 11.35
CA LEU C 51 19.70 1.83 10.22
C LEU C 51 18.42 1.11 10.55
N TYR C 52 17.64 0.81 9.52
CA TYR C 52 16.43 0.03 9.73
C TYR C 52 16.96 -1.37 10.05
N ALA C 53 16.41 -1.99 11.08
CA ALA C 53 16.85 -3.30 11.55
C ALA C 53 16.93 -4.48 10.58
N ALA C 54 16.21 -4.43 9.46
CA ALA C 54 16.25 -5.55 8.50
C ALA C 54 16.86 -5.21 7.17
N PRO C 55 17.75 -6.09 6.66
CA PRO C 55 18.36 -5.89 5.34
C PRO C 55 17.29 -5.86 4.25
N ILE C 56 17.63 -5.23 3.15
CA ILE C 56 16.73 -5.10 2.02
C ILE C 56 17.44 -5.65 0.79
N GLN C 57 16.74 -6.44 -0.01
CA GLN C 57 17.34 -6.98 -1.22
C GLN C 57 17.18 -5.94 -2.31
N ILE C 58 18.29 -5.30 -2.67
CA ILE C 58 18.29 -4.25 -3.67
C ILE C 58 18.42 -4.77 -5.11
N TRP C 59 18.88 -6.00 -5.28
CA TRP C 59 18.98 -6.63 -6.61
C TRP C 59 19.14 -8.14 -6.50
N ASP C 60 18.66 -8.86 -7.50
CA ASP C 60 18.71 -10.32 -7.51
C ASP C 60 19.70 -10.85 -8.55
N SER C 61 20.67 -11.65 -8.09
CA SER C 61 21.68 -12.22 -8.97
C SER C 61 21.10 -13.33 -9.85
N ILE C 62 20.04 -13.97 -9.36
CA ILE C 62 19.40 -15.05 -10.12
C ILE C 62 18.73 -14.49 -11.37
N THR C 63 17.73 -13.65 -11.17
CA THR C 63 16.96 -13.02 -12.24
C THR C 63 17.60 -11.81 -12.93
N GLY C 64 18.53 -11.16 -12.25
CA GLY C 64 19.19 -9.99 -12.83
C GLY C 64 18.45 -8.69 -12.49
N LYS C 65 17.23 -8.81 -11.96
CA LYS C 65 16.38 -7.67 -11.57
C LYS C 65 17.04 -6.69 -10.59
N VAL C 66 16.69 -5.42 -10.73
CA VAL C 66 17.18 -4.37 -9.83
C VAL C 66 15.94 -3.73 -9.21
N ALA C 67 16.07 -3.30 -7.97
CA ALA C 67 14.95 -2.70 -7.26
C ALA C 67 14.80 -1.19 -7.44
N SER C 68 13.55 -0.76 -7.46
CA SER C 68 13.25 0.67 -7.53
C SER C 68 12.83 0.99 -6.10
N PHE C 69 13.21 2.15 -5.60
CA PHE C 69 12.81 2.51 -4.24
C PHE C 69 12.54 3.99 -4.15
N ALA C 70 11.82 4.35 -3.11
CA ALA C 70 11.48 5.74 -2.86
C ALA C 70 11.48 5.92 -1.36
N THR C 71 11.94 7.07 -0.91
CA THR C 71 11.98 7.35 0.50
C THR C 71 11.64 8.82 0.72
N SER C 72 11.04 9.10 1.86
CA SER C 72 10.66 10.46 2.20
C SER C 72 10.95 10.66 3.66
N PHE C 73 11.53 11.80 3.99
CA PHE C 73 11.82 12.11 5.38
C PHE C 73 11.92 13.62 5.57
N SER C 74 11.78 14.05 6.80
CA SER C 74 11.85 15.47 7.11
C SER C 74 12.90 15.63 8.18
N PHE C 75 13.81 16.55 7.97
CA PHE C 75 14.86 16.78 8.94
C PHE C 75 15.05 18.25 9.26
N VAL C 76 15.77 18.49 10.35
CA VAL C 76 16.07 19.83 10.80
C VAL C 76 17.53 19.86 11.20
N VAL C 77 18.21 20.94 10.83
CA VAL C 77 19.60 21.15 11.18
C VAL C 77 19.64 22.55 11.78
N LYS C 78 19.66 22.60 13.10
CA LYS C 78 19.69 23.85 13.84
C LYS C 78 21.08 24.12 14.40
N ALA C 79 21.70 25.21 13.96
CA ALA C 79 23.03 25.60 14.41
C ALA C 79 22.94 26.69 15.47
N ASP C 80 23.86 26.67 16.43
CA ASP C 80 23.91 27.67 17.50
C ASP C 80 24.28 29.03 16.94
N LYS C 81 25.39 29.09 16.21
CA LYS C 81 25.82 30.33 15.58
C LYS C 81 25.09 30.40 14.23
N SER C 82 25.61 31.13 13.27
CA SER C 82 24.95 31.21 11.96
C SER C 82 25.47 30.10 11.05
N ASP C 83 26.35 29.26 11.61
CA ASP C 83 26.94 28.16 10.88
C ASP C 83 27.21 26.96 11.76
N GLY C 84 27.21 25.80 11.11
CA GLY C 84 27.46 24.57 11.83
C GLY C 84 28.13 23.55 10.94
N VAL C 85 28.47 22.41 11.55
CA VAL C 85 29.13 21.30 10.88
C VAL C 85 28.50 20.03 11.48
N ASP C 86 28.59 18.89 10.80
CA ASP C 86 29.24 18.72 9.51
C ASP C 86 28.28 18.38 8.38
N GLY C 87 27.12 17.84 8.74
CA GLY C 87 26.14 17.46 7.75
C GLY C 87 25.41 16.17 8.11
N LEU C 88 24.51 15.77 7.22
CA LEU C 88 23.69 14.58 7.41
C LEU C 88 23.65 13.81 6.10
N ALA C 89 23.40 12.51 6.18
CA ALA C 89 23.34 11.70 4.97
C ALA C 89 22.38 10.53 5.04
N PHE C 90 21.76 10.23 3.92
CA PHE C 90 20.88 9.08 3.79
C PHE C 90 21.75 8.12 2.97
N PHE C 91 21.80 6.85 3.35
CA PHE C 91 22.66 5.93 2.62
C PHE C 91 22.20 4.49 2.54
N LEU C 92 22.83 3.77 1.61
CA LEU C 92 22.61 2.35 1.39
C LEU C 92 24.02 1.76 1.49
N ALA C 93 24.19 0.79 2.39
CA ALA C 93 25.49 0.16 2.61
C ALA C 93 25.31 -1.35 2.73
N PRO C 94 26.42 -2.11 2.75
CA PRO C 94 26.29 -3.56 2.89
C PRO C 94 25.50 -3.91 4.15
N ALA C 95 24.73 -4.98 4.09
CA ALA C 95 23.90 -5.42 5.21
C ALA C 95 24.63 -5.45 6.54
N ASN C 96 24.05 -4.78 7.53
CA ASN C 96 24.58 -4.71 8.89
C ASN C 96 26.02 -4.20 9.00
N SER C 97 26.38 -3.26 8.13
CA SER C 97 27.73 -2.71 8.17
C SER C 97 27.91 -1.85 9.42
N GLN C 98 29.15 -1.73 9.86
CA GLN C 98 29.48 -0.95 11.05
C GLN C 98 30.19 0.32 10.65
N ILE C 99 30.30 1.26 11.59
CA ILE C 99 31.00 2.51 11.34
C ILE C 99 32.46 2.15 11.07
N PRO C 100 32.99 2.54 9.91
CA PRO C 100 34.38 2.25 9.52
C PRO C 100 35.34 2.73 10.59
N SER C 101 36.38 1.93 10.83
CA SER C 101 37.39 2.27 11.81
C SER C 101 38.14 3.50 11.33
N GLY C 102 38.29 4.48 12.22
CA GLY C 102 38.99 5.71 11.87
C GLY C 102 38.23 6.62 10.91
N SER C 103 36.96 6.80 11.16
CA SER C 103 36.13 7.64 10.32
C SER C 103 35.97 9.00 11.00
N SER C 104 35.74 10.04 10.21
CA SER C 104 35.57 11.38 10.77
C SER C 104 34.17 11.91 10.47
N ALA C 105 33.80 12.99 11.15
CA ALA C 105 32.50 13.62 10.96
C ALA C 105 32.33 14.08 9.52
N GLY C 106 33.42 14.58 8.94
CA GLY C 106 33.38 15.06 7.57
C GLY C 106 33.07 13.97 6.56
N MET C 107 33.20 12.71 7.00
CA MET C 107 32.92 11.57 6.14
C MET C 107 31.62 10.88 6.58
N PHE C 108 30.95 11.51 7.52
CA PHE C 108 29.66 11.07 8.06
C PHE C 108 29.61 9.64 8.58
N GLY C 109 30.75 9.13 9.01
CA GLY C 109 30.81 7.78 9.53
C GLY C 109 30.54 6.75 8.46
N LEU C 110 30.85 7.10 7.21
CA LEU C 110 30.64 6.20 6.08
C LEU C 110 31.95 5.78 5.42
N PHE C 111 32.98 6.61 5.55
CA PHE C 111 34.27 6.31 4.92
C PHE C 111 35.49 6.39 5.84
N SER C 112 36.46 5.50 5.55
CA SER C 112 37.73 5.37 6.29
C SER C 112 38.70 6.40 5.74
N SER C 113 38.58 6.71 4.46
CA SER C 113 39.47 7.66 3.79
C SER C 113 38.74 8.53 2.76
N SER C 114 39.51 9.25 1.95
CA SER C 114 38.94 10.12 0.91
C SER C 114 39.18 9.55 -0.48
N ASP C 115 39.56 8.28 -0.55
CA ASP C 115 39.80 7.61 -1.82
C ASP C 115 38.45 7.17 -2.41
N SER C 116 38.49 6.58 -3.59
CA SER C 116 37.28 6.10 -4.24
C SER C 116 37.37 4.58 -4.39
N LYS C 117 37.59 3.90 -3.26
CA LYS C 117 37.70 2.44 -3.23
C LYS C 117 36.39 1.74 -3.61
N SER C 118 36.49 0.79 -4.54
CA SER C 118 35.36 0.02 -5.03
C SER C 118 34.72 -0.88 -3.98
N SER C 119 35.53 -1.28 -3.00
CA SER C 119 35.09 -2.16 -1.92
C SER C 119 34.24 -1.46 -0.85
N ASN C 120 34.18 -0.13 -0.89
CA ASN C 120 33.37 0.63 0.06
C ASN C 120 31.89 0.23 -0.02
N GLN C 121 31.43 0.01 -1.25
CA GLN C 121 30.05 -0.38 -1.54
C GLN C 121 29.02 0.49 -0.83
N ILE C 122 29.13 1.79 -1.07
CA ILE C 122 28.24 2.76 -0.46
C ILE C 122 27.68 3.80 -1.41
N ILE C 123 26.39 4.04 -1.30
CA ILE C 123 25.71 5.05 -2.08
C ILE C 123 25.01 5.91 -1.05
N ALA C 124 25.24 7.21 -1.11
CA ALA C 124 24.65 8.10 -0.15
C ALA C 124 24.32 9.45 -0.73
N VAL C 125 23.29 10.07 -0.16
CA VAL C 125 22.88 11.40 -0.54
C VAL C 125 23.23 12.23 0.67
N GLU C 126 24.19 13.12 0.52
CA GLU C 126 24.63 13.95 1.61
C GLU C 126 24.06 15.36 1.57
N PHE C 127 23.89 15.93 2.77
CA PHE C 127 23.43 17.29 2.95
C PHE C 127 24.57 17.89 3.77
N ASP C 128 25.62 18.27 3.05
CA ASP C 128 26.88 18.80 3.55
C ASP C 128 26.83 20.27 3.96
N THR C 129 27.05 20.54 5.25
CA THR C 129 27.03 21.92 5.76
C THR C 129 28.41 22.56 5.88
N TYR C 130 29.46 21.74 5.95
CA TYR C 130 30.82 22.24 6.05
C TYR C 130 31.60 21.96 4.77
N PHE C 131 32.28 22.99 4.26
CA PHE C 131 33.03 22.84 3.03
C PHE C 131 34.41 23.49 3.06
N GLY C 132 34.93 23.74 4.25
CA GLY C 132 36.25 24.35 4.40
C GLY C 132 37.32 23.58 3.64
N LYS C 133 38.03 24.27 2.74
CA LYS C 133 39.08 23.65 1.93
C LYS C 133 40.24 23.08 2.72
N ALA C 134 40.48 23.64 3.92
CA ALA C 134 41.57 23.17 4.78
C ALA C 134 41.32 21.72 5.19
N TYR C 135 40.10 21.43 5.64
CA TYR C 135 39.72 20.09 6.08
C TYR C 135 38.93 19.20 5.13
N ASN C 136 38.12 19.80 4.25
CA ASN C 136 37.31 19.07 3.28
C ASN C 136 37.66 19.54 1.86
N PRO C 137 38.90 19.27 1.40
CA PRO C 137 39.34 19.71 0.07
C PRO C 137 38.52 19.21 -1.12
N TRP C 138 37.76 18.14 -0.92
CA TRP C 138 36.94 17.54 -1.97
C TRP C 138 35.62 18.29 -2.23
N ASP C 139 35.14 19.02 -1.22
CA ASP C 139 33.90 19.77 -1.31
C ASP C 139 33.94 21.03 -2.17
N PRO C 140 32.79 21.42 -2.76
CA PRO C 140 32.68 22.65 -3.56
C PRO C 140 32.62 23.84 -2.60
N ASP C 141 32.55 25.06 -3.11
CA ASP C 141 32.54 26.25 -2.25
C ASP C 141 31.21 26.75 -1.69
N PHE C 142 30.39 25.82 -1.24
CA PHE C 142 29.07 26.15 -0.68
C PHE C 142 28.43 24.93 -0.05
N LYS C 143 27.43 25.17 0.81
CA LYS C 143 26.70 24.08 1.43
C LYS C 143 26.00 23.39 0.26
N HIS C 144 26.09 22.06 0.21
CA HIS C 144 25.54 21.33 -0.93
C HIS C 144 24.80 20.03 -0.63
N ILE C 145 24.19 19.48 -1.67
CA ILE C 145 23.51 18.21 -1.64
C ILE C 145 24.34 17.43 -2.64
N GLY C 146 24.85 16.27 -2.25
CA GLY C 146 25.67 15.52 -3.17
C GLY C 146 25.34 14.05 -3.23
N ILE C 147 25.48 13.48 -4.42
CA ILE C 147 25.25 12.06 -4.64
C ILE C 147 26.63 11.42 -4.51
N ASP C 148 26.84 10.63 -3.46
CA ASP C 148 28.12 9.98 -3.23
C ASP C 148 28.07 8.53 -3.64
N VAL C 149 29.06 8.10 -4.41
CA VAL C 149 29.13 6.72 -4.86
C VAL C 149 30.53 6.20 -4.57
N ASN C 150 30.65 5.44 -3.48
CA ASN C 150 31.92 4.84 -3.05
C ASN C 150 33.01 5.84 -2.63
N SER C 151 32.65 7.12 -2.51
CA SER C 151 33.62 8.14 -2.14
C SER C 151 32.93 9.39 -1.56
N ILE C 152 33.62 10.05 -0.64
CA ILE C 152 33.10 11.27 -0.01
C ILE C 152 33.13 12.44 -1.01
N LYS C 153 33.83 12.25 -2.12
CA LYS C 153 33.91 13.24 -3.17
C LYS C 153 32.75 12.90 -4.09
N SER C 154 31.65 13.64 -3.92
CA SER C 154 30.41 13.46 -4.66
C SER C 154 30.63 13.48 -6.17
N ILE C 155 29.87 12.64 -6.88
CA ILE C 155 29.94 12.57 -8.35
C ILE C 155 29.16 13.72 -8.97
N LYS C 156 28.26 14.31 -8.18
CA LYS C 156 27.44 15.43 -8.63
C LYS C 156 26.86 16.13 -7.41
N THR C 157 26.96 17.46 -7.41
CA THR C 157 26.44 18.26 -6.31
C THR C 157 25.57 19.39 -6.83
N VAL C 158 24.93 20.07 -5.89
CA VAL C 158 24.06 21.19 -6.21
C VAL C 158 24.03 22.06 -4.96
N LYS C 159 23.94 23.38 -5.13
CA LYS C 159 23.90 24.27 -3.98
C LYS C 159 22.65 24.00 -3.14
N TRP C 160 22.86 23.88 -1.83
CA TRP C 160 21.80 23.64 -0.88
C TRP C 160 21.53 24.92 -0.10
N ASP C 161 20.36 25.52 -0.33
CA ASP C 161 19.97 26.76 0.34
C ASP C 161 19.44 26.47 1.73
N TRP C 162 20.32 25.94 2.57
CA TRP C 162 20.02 25.58 3.93
C TRP C 162 19.40 26.71 4.74
N ARG C 163 18.36 26.38 5.49
CA ARG C 163 17.68 27.33 6.34
C ARG C 163 17.85 26.84 7.77
N ASN C 164 18.52 27.65 8.58
CA ASN C 164 18.79 27.31 9.97
C ASN C 164 17.52 27.08 10.78
N GLY C 165 17.43 25.91 11.40
CA GLY C 165 16.29 25.58 12.24
C GLY C 165 14.96 25.25 11.58
N GLU C 166 14.89 25.41 10.26
CA GLU C 166 13.65 25.11 9.54
C GLU C 166 13.55 23.66 9.13
N VAL C 167 12.33 23.15 9.06
CA VAL C 167 12.08 21.76 8.67
C VAL C 167 12.13 21.62 7.15
N ALA C 168 12.92 20.66 6.68
CA ALA C 168 13.06 20.38 5.26
C ALA C 168 12.42 19.03 4.94
N ASP C 169 11.65 18.99 3.86
CA ASP C 169 11.01 17.75 3.41
C ASP C 169 11.81 17.23 2.23
N VAL C 170 12.21 15.97 2.28
CA VAL C 170 12.99 15.38 1.21
C VAL C 170 12.32 14.15 0.65
N VAL C 171 12.43 13.97 -0.67
CA VAL C 171 11.88 12.82 -1.37
C VAL C 171 12.96 12.32 -2.30
N ILE C 172 13.39 11.08 -2.12
CA ILE C 172 14.40 10.51 -2.98
C ILE C 172 13.78 9.33 -3.69
N THR C 173 13.99 9.27 -4.99
CA THR C 173 13.45 8.18 -5.78
C THR C 173 14.51 7.59 -6.68
N TYR C 174 14.50 6.28 -6.78
CA TYR C 174 15.43 5.60 -7.66
C TYR C 174 14.57 4.74 -8.56
N ARG C 175 14.70 4.95 -9.87
CA ARG C 175 13.93 4.19 -10.84
C ARG C 175 14.90 3.28 -11.59
N ALA C 176 14.86 2.00 -11.23
CA ALA C 176 15.73 0.98 -11.81
C ALA C 176 15.83 0.98 -13.34
N PRO C 177 14.69 0.94 -14.05
CA PRO C 177 14.75 0.94 -15.52
C PRO C 177 15.62 2.04 -16.15
N THR C 178 15.60 3.25 -15.59
CA THR C 178 16.41 4.32 -16.14
C THR C 178 17.64 4.66 -15.31
N LYS C 179 17.88 3.90 -14.24
CA LYS C 179 19.03 4.11 -13.34
C LYS C 179 19.10 5.55 -12.84
N SER C 180 17.94 6.17 -12.67
CA SER C 180 17.87 7.56 -12.25
C SER C 180 17.60 7.80 -10.77
N LEU C 181 18.52 8.46 -10.10
CA LEU C 181 18.38 8.79 -8.68
C LEU C 181 18.07 10.27 -8.57
N THR C 182 16.92 10.63 -8.02
CA THR C 182 16.54 12.03 -7.90
C THR C 182 16.29 12.46 -6.46
N VAL C 183 16.88 13.59 -6.08
CA VAL C 183 16.70 14.12 -4.74
C VAL C 183 15.89 15.39 -4.84
N CYS C 184 14.81 15.43 -4.06
CA CYS C 184 13.88 16.53 -4.07
C CYS C 184 13.74 17.16 -2.69
N LEU C 185 14.37 18.30 -2.47
CA LEU C 185 14.27 18.95 -1.16
C LEU C 185 13.50 20.26 -1.20
N SER C 186 12.68 20.49 -0.18
CA SER C 186 11.92 21.73 -0.09
C SER C 186 11.67 22.16 1.34
N TYR C 187 11.54 23.46 1.52
CA TYR C 187 11.28 24.06 2.83
C TYR C 187 9.89 24.68 2.83
N PRO C 188 8.90 23.99 3.43
CA PRO C 188 7.54 24.52 3.48
C PRO C 188 7.44 25.93 4.07
N SER C 189 8.39 26.25 4.95
CA SER C 189 8.46 27.55 5.64
C SER C 189 8.47 28.75 4.68
N ASP C 190 9.33 28.70 3.67
CA ASP C 190 9.43 29.81 2.72
C ASP C 190 9.42 29.43 1.24
N GLY C 191 9.17 28.15 0.94
CA GLY C 191 9.13 27.70 -0.44
C GLY C 191 10.46 27.47 -1.13
N THR C 192 11.56 27.46 -0.38
CA THR C 192 12.89 27.22 -0.95
C THR C 192 12.98 25.76 -1.38
N SER C 193 13.47 25.53 -2.60
CA SER C 193 13.57 24.16 -3.13
C SER C 193 14.86 23.91 -3.87
N ASN C 194 15.42 22.72 -3.68
CA ASN C 194 16.64 22.33 -4.35
C ASN C 194 16.42 20.93 -4.89
N ILE C 195 16.99 20.65 -6.07
CA ILE C 195 16.82 19.34 -6.68
C ILE C 195 18.10 18.92 -7.37
N ILE C 196 18.31 17.61 -7.47
CA ILE C 196 19.49 17.05 -8.12
C ILE C 196 19.18 15.63 -8.60
N THR C 197 19.69 15.27 -9.76
CA THR C 197 19.48 13.94 -10.33
C THR C 197 20.79 13.42 -10.90
N ALA C 198 21.04 12.12 -10.77
CA ALA C 198 22.25 11.51 -11.29
C ALA C 198 21.96 10.07 -11.70
N SER C 199 22.82 9.51 -12.53
CA SER C 199 22.67 8.11 -12.97
C SER C 199 23.55 7.23 -12.09
N VAL C 200 22.96 6.17 -11.56
CA VAL C 200 23.68 5.24 -10.71
C VAL C 200 23.17 3.84 -10.95
N ASP C 201 24.09 2.91 -11.17
CA ASP C 201 23.70 1.52 -11.37
C ASP C 201 23.94 0.81 -10.05
N LEU C 202 22.88 0.59 -9.28
CA LEU C 202 22.99 -0.08 -7.99
C LEU C 202 23.67 -1.44 -8.08
N LYS C 203 23.32 -2.19 -9.12
CA LYS C 203 23.88 -3.52 -9.35
C LYS C 203 25.41 -3.48 -9.46
N ALA C 204 25.93 -2.39 -10.01
CA ALA C 204 27.36 -2.23 -10.18
C ALA C 204 28.08 -1.79 -8.91
N ILE C 205 27.37 -1.08 -8.03
CA ILE C 205 27.99 -0.57 -6.81
C ILE C 205 27.74 -1.37 -5.53
N LEU C 206 26.49 -1.72 -5.28
CA LEU C 206 26.13 -2.43 -4.06
C LEU C 206 26.00 -3.95 -4.16
N PRO C 207 26.04 -4.65 -3.00
CA PRO C 207 25.82 -6.09 -2.97
C PRO C 207 24.32 -6.31 -3.03
N GLU C 208 23.86 -7.57 -3.10
CA GLU C 208 22.43 -7.86 -3.18
C GLU C 208 21.64 -7.38 -1.97
N TRP C 209 22.20 -7.60 -0.79
CA TRP C 209 21.56 -7.23 0.47
C TRP C 209 22.22 -6.03 1.11
N VAL C 210 21.42 -4.99 1.33
CA VAL C 210 21.92 -3.76 1.93
C VAL C 210 21.08 -3.31 3.13
N SER C 211 21.63 -2.36 3.88
CA SER C 211 20.96 -1.76 5.03
C SER C 211 20.80 -0.29 4.65
N VAL C 212 19.67 0.32 5.01
CA VAL C 212 19.46 1.73 4.70
C VAL C 212 19.32 2.54 5.98
N GLY C 213 19.70 3.81 5.93
CA GLY C 213 19.60 4.63 7.11
C GLY C 213 20.19 6.02 7.00
N PHE C 214 20.39 6.65 8.15
CA PHE C 214 20.95 7.99 8.21
C PHE C 214 22.23 7.98 9.01
N SER C 215 23.11 8.90 8.68
CA SER C 215 24.36 9.05 9.40
C SER C 215 24.66 10.54 9.40
N GLY C 216 25.48 10.97 10.33
CA GLY C 216 25.83 12.38 10.40
C GLY C 216 26.95 12.58 11.38
N GLY C 217 27.53 13.78 11.37
CA GLY C 217 28.62 14.05 12.28
C GLY C 217 28.78 15.52 12.60
N VAL C 218 29.49 15.78 13.70
CA VAL C 218 29.81 17.12 14.16
C VAL C 218 31.31 17.06 14.41
N GLY C 219 32.08 17.61 13.48
CA GLY C 219 33.53 17.59 13.58
C GLY C 219 34.16 18.51 14.60
N ASN C 220 33.50 19.63 14.87
CA ASN C 220 34.02 20.62 15.81
C ASN C 220 32.91 21.13 16.74
N ALA C 221 33.04 20.83 18.02
CA ALA C 221 32.07 21.22 19.03
C ALA C 221 31.79 22.71 19.11
N ALA C 222 32.73 23.51 18.61
CA ALA C 222 32.58 24.97 18.62
C ALA C 222 31.57 25.46 17.60
N GLU C 223 31.43 24.70 16.52
CA GLU C 223 30.49 25.04 15.44
C GLU C 223 29.37 24.00 15.42
N PHE C 224 28.76 23.80 16.58
CA PHE C 224 27.68 22.84 16.77
C PHE C 224 26.39 23.13 16.02
N GLU C 225 25.71 22.03 15.67
CA GLU C 225 24.42 22.04 14.97
C GLU C 225 23.79 20.65 15.14
N THR C 226 22.46 20.60 15.10
CA THR C 226 21.75 19.34 15.24
C THR C 226 21.54 18.69 13.88
N HIS C 227 21.22 17.40 13.89
CA HIS C 227 20.95 16.62 12.68
C HIS C 227 19.81 15.70 13.08
N ASP C 228 18.62 16.29 13.14
CA ASP C 228 17.41 15.60 13.56
C ASP C 228 16.46 15.19 12.45
N VAL C 229 16.13 13.92 12.36
CA VAL C 229 15.15 13.48 11.36
C VAL C 229 13.85 13.24 12.15
N LEU C 230 12.78 13.87 11.67
CA LEU C 230 11.47 13.83 12.29
C LEU C 230 10.56 12.67 11.94
N SER C 231 10.67 12.20 10.70
CA SER C 231 9.84 11.10 10.21
C SER C 231 10.54 10.43 9.05
N TRP C 232 10.13 9.22 8.73
CA TRP C 232 10.77 8.48 7.65
C TRP C 232 9.84 7.45 7.02
N TYR C 233 9.73 7.53 5.71
CA TYR C 233 8.92 6.61 4.93
C TYR C 233 9.85 5.99 3.89
N PHE C 234 9.75 4.67 3.70
CA PHE C 234 10.58 3.98 2.74
C PHE C 234 9.83 2.82 2.10
N THR C 235 10.10 2.60 0.83
CA THR C 235 9.48 1.50 0.10
C THR C 235 10.38 1.09 -1.05
N SER C 236 10.57 -0.21 -1.22
CA SER C 236 11.39 -0.73 -2.31
C SER C 236 10.63 -1.86 -2.97
N ASN C 237 10.99 -2.19 -4.20
CA ASN C 237 10.31 -3.25 -4.92
C ASN C 237 11.15 -3.79 -6.07
N LEU C 238 11.36 -5.10 -6.06
CA LEU C 238 12.12 -5.80 -7.09
C LEU C 238 11.29 -6.12 -8.34
N GLU C 239 11.64 -5.49 -9.47
N SER D 3 0.92 5.94 4.93
CA SER D 3 0.47 4.56 4.82
C SER D 3 0.57 3.81 6.17
N ASP D 4 0.47 2.48 6.09
CA ASP D 4 0.55 1.60 7.27
C ASP D 4 1.96 1.57 7.87
N ASP D 5 2.07 1.19 9.13
CA ASP D 5 3.35 1.11 9.81
C ASP D 5 4.35 0.17 9.13
N LEU D 6 3.90 -1.04 8.78
CA LEU D 6 4.78 -2.01 8.13
C LEU D 6 4.03 -2.86 7.12
N SER D 7 4.74 -3.28 6.09
CA SER D 7 4.15 -4.11 5.05
C SER D 7 5.23 -4.75 4.19
N PHE D 8 5.34 -6.07 4.24
CA PHE D 8 6.33 -6.78 3.43
C PHE D 8 5.70 -7.96 2.70
N ASN D 9 6.32 -8.35 1.58
CA ASN D 9 5.81 -9.45 0.80
C ASN D 9 6.91 -10.27 0.14
N PHE D 10 6.86 -11.58 0.31
CA PHE D 10 7.82 -12.51 -0.27
C PHE D 10 7.04 -13.46 -1.16
N ASP D 11 7.26 -13.38 -2.47
CA ASP D 11 6.57 -14.27 -3.42
C ASP D 11 7.24 -15.62 -3.45
N LYS D 12 8.53 -15.61 -3.13
CA LYS D 12 9.36 -16.80 -3.07
C LYS D 12 10.50 -16.41 -2.13
N PHE D 13 11.25 -17.39 -1.66
CA PHE D 13 12.36 -17.11 -0.77
C PHE D 13 13.67 -17.39 -1.50
N VAL D 14 14.76 -16.82 -0.98
CA VAL D 14 16.07 -17.01 -1.58
C VAL D 14 17.00 -17.63 -0.54
N PRO D 15 17.91 -18.52 -0.99
CA PRO D 15 18.85 -19.19 -0.09
C PRO D 15 19.61 -18.16 0.75
N ASN D 16 19.56 -18.33 2.06
CA ASN D 16 20.20 -17.41 3.00
C ASN D 16 19.71 -15.99 2.82
N GLN D 17 18.39 -15.85 2.90
CA GLN D 17 17.71 -14.59 2.79
C GLN D 17 18.13 -13.82 4.03
N LYS D 18 18.71 -12.65 3.83
CA LYS D 18 19.20 -11.86 4.96
C LYS D 18 18.19 -11.10 5.81
N ASN D 19 16.92 -11.11 5.43
CA ASN D 19 15.91 -10.42 6.24
C ASN D 19 14.99 -11.42 6.96
N ILE D 20 15.48 -12.65 7.06
CA ILE D 20 14.78 -13.72 7.76
C ILE D 20 15.81 -14.30 8.70
N ILE D 21 15.45 -14.47 9.97
CA ILE D 21 16.36 -15.05 10.94
C ILE D 21 16.03 -16.52 11.04
N PHE D 22 17.01 -17.36 10.77
CA PHE D 22 16.82 -18.80 10.81
C PHE D 22 17.27 -19.38 12.14
N GLN D 23 16.36 -20.09 12.79
CA GLN D 23 16.66 -20.71 14.07
C GLN D 23 16.42 -22.21 13.92
N GLY D 24 17.24 -23.02 14.58
CA GLY D 24 17.07 -24.46 14.47
C GLY D 24 17.45 -24.97 13.10
N ASP D 25 16.66 -25.90 12.58
CA ASP D 25 16.93 -26.49 11.26
C ASP D 25 16.27 -25.80 10.08
N ALA D 26 15.65 -24.65 10.32
CA ALA D 26 14.98 -23.90 9.26
C ALA D 26 15.97 -23.38 8.23
N SER D 27 15.55 -23.39 6.97
CA SER D 27 16.36 -22.92 5.86
C SER D 27 15.49 -22.81 4.61
N VAL D 28 16.05 -22.26 3.54
CA VAL D 28 15.31 -22.16 2.29
C VAL D 28 16.06 -22.88 1.17
N SER D 29 15.38 -23.86 0.58
CA SER D 29 15.93 -24.67 -0.51
C SER D 29 16.23 -23.86 -1.75
N THR D 30 16.93 -24.48 -2.70
CA THR D 30 17.29 -23.82 -3.95
C THR D 30 16.07 -23.55 -4.83
N THR D 31 14.98 -24.26 -4.58
CA THR D 31 13.74 -24.06 -5.34
C THR D 31 12.95 -22.88 -4.81
N GLY D 32 13.52 -22.19 -3.81
CA GLY D 32 12.91 -21.01 -3.22
C GLY D 32 11.79 -21.20 -2.21
N VAL D 33 11.78 -22.34 -1.52
CA VAL D 33 10.75 -22.57 -0.52
C VAL D 33 11.36 -22.62 0.87
N LEU D 34 10.64 -22.05 1.84
CA LEU D 34 11.09 -22.02 3.22
C LEU D 34 10.74 -23.35 3.86
N GLN D 35 11.76 -24.17 4.11
CA GLN D 35 11.56 -25.46 4.75
C GLN D 35 11.85 -25.25 6.23
N VAL D 36 10.83 -24.88 6.99
CA VAL D 36 11.00 -24.61 8.41
C VAL D 36 11.49 -25.85 9.14
N THR D 37 11.11 -27.00 8.61
CA THR D 37 11.51 -28.29 9.15
C THR D 37 12.46 -28.93 8.13
N LYS D 38 13.53 -29.54 8.63
CA LYS D 38 14.54 -30.18 7.78
C LYS D 38 14.02 -31.34 6.94
N VAL D 39 14.44 -31.39 5.68
CA VAL D 39 14.06 -32.47 4.76
C VAL D 39 15.37 -33.02 4.18
N SER D 40 15.69 -34.27 4.49
CA SER D 40 16.98 -34.81 4.02
C SER D 40 17.08 -36.32 3.84
N LYS D 41 18.21 -36.76 3.26
CA LYS D 41 18.54 -38.16 2.98
C LYS D 41 17.94 -39.11 4.04
N PRO D 42 18.65 -39.42 5.16
CA PRO D 42 17.84 -40.22 6.09
C PRO D 42 16.98 -39.19 6.85
N THR D 43 15.65 -39.34 6.79
CA THR D 43 14.76 -38.39 7.47
C THR D 43 15.10 -38.38 8.96
N THR D 44 15.20 -37.19 9.52
CA THR D 44 15.58 -37.02 10.92
C THR D 44 14.65 -36.12 11.76
N THR D 45 14.72 -36.29 13.08
CA THR D 45 13.95 -35.48 14.04
C THR D 45 14.37 -34.04 13.77
N SER D 46 13.43 -33.10 13.90
CA SER D 46 13.78 -31.71 13.61
C SER D 46 12.88 -30.64 14.25
N ILE D 47 13.48 -29.47 14.47
CA ILE D 47 12.78 -28.30 15.02
C ILE D 47 13.40 -27.08 14.36
N GLY D 48 12.56 -26.16 13.91
CA GLY D 48 13.07 -24.95 13.26
C GLY D 48 12.11 -23.80 13.33
N ARG D 49 12.65 -22.58 13.27
CA ARG D 49 11.85 -21.37 13.30
C ARG D 49 12.48 -20.36 12.35
N ALA D 50 11.66 -19.47 11.79
CA ALA D 50 12.14 -18.45 10.87
C ALA D 50 11.38 -17.20 11.22
N LEU D 51 12.09 -16.12 11.51
CA LEU D 51 11.45 -14.87 11.88
C LEU D 51 11.86 -13.77 10.94
N TYR D 52 11.00 -12.77 10.77
CA TYR D 52 11.33 -11.63 9.94
C TYR D 52 12.40 -10.92 10.79
N ALA D 53 13.48 -10.49 10.14
CA ALA D 53 14.60 -9.84 10.80
C ALA D 53 14.37 -8.61 11.68
N ALA D 54 13.26 -7.89 11.48
CA ALA D 54 13.01 -6.69 12.29
C ALA D 54 11.80 -6.80 13.21
N PRO D 55 11.96 -6.36 14.48
CA PRO D 55 10.86 -6.36 15.43
C PRO D 55 9.72 -5.47 14.94
N ILE D 56 8.53 -5.75 15.43
CA ILE D 56 7.35 -5.01 15.06
C ILE D 56 6.70 -4.50 16.34
N GLN D 57 6.27 -3.23 16.34
CA GLN D 57 5.61 -2.68 17.51
C GLN D 57 4.13 -3.04 17.41
N ILE D 58 3.72 -3.97 18.25
CA ILE D 58 2.35 -4.46 18.27
C ILE D 58 1.40 -3.61 19.12
N TRP D 59 1.94 -2.81 20.03
CA TRP D 59 1.14 -1.90 20.85
C TRP D 59 2.02 -0.82 21.49
N ASP D 60 1.43 0.36 21.73
CA ASP D 60 2.15 1.49 22.32
C ASP D 60 1.71 1.78 23.74
N SER D 61 2.66 1.77 24.68
CA SER D 61 2.36 2.03 26.08
C SER D 61 2.07 3.50 26.34
N ILE D 62 2.59 4.37 25.49
CA ILE D 62 2.37 5.80 25.63
C ILE D 62 0.90 6.14 25.35
N THR D 63 0.49 5.89 24.10
CA THR D 63 -0.88 6.17 23.65
C THR D 63 -1.94 5.14 24.02
N GLY D 64 -1.52 3.91 24.30
CA GLY D 64 -2.48 2.86 24.65
C GLY D 64 -2.96 2.09 23.43
N LYS D 65 -2.66 2.59 22.23
CA LYS D 65 -3.04 1.99 20.95
C LYS D 65 -2.58 0.54 20.78
N VAL D 66 -3.38 -0.25 20.07
CA VAL D 66 -3.04 -1.63 19.75
C VAL D 66 -3.04 -1.75 18.24
N ALA D 67 -2.17 -2.59 17.70
CA ALA D 67 -2.06 -2.74 16.26
C ALA D 67 -2.98 -3.79 15.66
N SER D 68 -3.43 -3.52 14.45
CA SER D 68 -4.25 -4.47 13.70
C SER D 68 -3.26 -5.02 12.68
N PHE D 69 -3.33 -6.30 12.38
CA PHE D 69 -2.43 -6.86 11.40
C PHE D 69 -3.13 -7.92 10.58
N ALA D 70 -2.55 -8.22 9.44
CA ALA D 70 -3.09 -9.24 8.56
C ALA D 70 -1.90 -9.90 7.91
N THR D 71 -2.00 -11.21 7.71
CA THR D 71 -0.93 -11.95 7.08
C THR D 71 -1.52 -13.01 6.18
N SER D 72 -0.79 -13.33 5.13
CA SER D 72 -1.24 -14.33 4.19
C SER D 72 -0.03 -15.16 3.80
N PHE D 73 -0.22 -16.47 3.73
CA PHE D 73 0.86 -17.36 3.34
C PHE D 73 0.30 -18.66 2.80
N SER D 74 1.11 -19.38 2.05
CA SER D 74 0.69 -20.64 1.47
C SER D 74 1.71 -21.67 1.90
N PHE D 75 1.23 -22.78 2.42
CA PHE D 75 2.14 -23.82 2.85
C PHE D 75 1.73 -25.19 2.35
N VAL D 76 2.66 -26.13 2.46
CA VAL D 76 2.45 -27.50 2.05
C VAL D 76 3.03 -28.40 3.12
N VAL D 77 2.30 -29.45 3.44
CA VAL D 77 2.75 -30.43 4.41
C VAL D 77 2.58 -31.78 3.71
N LYS D 78 3.70 -32.29 3.19
CA LYS D 78 3.71 -33.57 2.48
C LYS D 78 4.31 -34.66 3.34
N ALA D 79 3.50 -35.68 3.64
CA ALA D 79 3.93 -36.80 4.45
C ALA D 79 4.28 -38.02 3.57
N ASP D 80 5.28 -38.79 3.99
CA ASP D 80 5.69 -39.98 3.24
C ASP D 80 4.62 -41.05 3.28
N LYS D 81 4.16 -41.38 4.49
CA LYS D 81 3.09 -42.37 4.65
C LYS D 81 1.78 -41.58 4.52
N SER D 82 0.69 -42.09 5.07
CA SER D 82 -0.58 -41.35 4.99
C SER D 82 -0.71 -40.41 6.18
N ASP D 83 0.33 -40.39 7.01
CA ASP D 83 0.35 -39.56 8.20
C ASP D 83 1.74 -39.05 8.53
N GLY D 84 1.77 -37.90 9.20
CA GLY D 84 3.03 -37.30 9.58
C GLY D 84 2.89 -36.52 10.87
N VAL D 85 4.03 -36.00 11.33
CA VAL D 85 4.13 -35.22 12.55
C VAL D 85 5.14 -34.11 12.26
N ASP D 86 5.14 -33.00 13.00
CA ASP D 86 4.24 -32.74 14.11
C ASP D 86 3.27 -31.60 13.85
N GLY D 87 3.64 -30.72 12.94
CA GLY D 87 2.80 -29.58 12.62
C GLY D 87 3.61 -28.32 12.33
N LEU D 88 2.89 -27.25 12.05
CA LEU D 88 3.49 -25.96 11.72
C LEU D 88 2.74 -24.87 12.47
N ALA D 89 3.41 -23.74 12.70
CA ALA D 89 2.78 -22.64 13.42
C ALA D 89 3.25 -21.26 13.00
N PHE D 90 2.32 -20.32 13.02
CA PHE D 90 2.62 -18.93 12.74
C PHE D 90 2.54 -18.31 14.13
N PHE D 91 3.49 -17.47 14.50
CA PHE D 91 3.47 -16.91 15.84
C PHE D 91 4.05 -15.51 16.01
N LEU D 92 3.72 -14.93 17.16
CA LEU D 92 4.18 -13.61 17.59
C LEU D 92 4.82 -13.90 18.94
N ALA D 93 6.09 -13.52 19.10
CA ALA D 93 6.82 -13.75 20.33
C ALA D 93 7.63 -12.51 20.68
N PRO D 94 8.22 -12.46 21.90
CA PRO D 94 9.03 -11.29 22.26
C PRO D 94 10.14 -11.07 21.23
N ALA D 95 10.47 -9.81 20.99
CA ALA D 95 11.49 -9.45 20.01
C ALA D 95 12.78 -10.27 20.13
N ASN D 96 13.19 -10.86 19.00
CA ASN D 96 14.40 -11.66 18.91
C ASN D 96 14.51 -12.82 19.90
N SER D 97 13.37 -13.44 20.22
CA SER D 97 13.37 -14.56 21.13
C SER D 97 14.05 -15.77 20.48
N GLN D 98 14.59 -16.64 21.33
CA GLN D 98 15.27 -17.84 20.87
C GLN D 98 14.43 -19.07 21.16
N ILE D 99 14.80 -20.19 20.54
CA ILE D 99 14.08 -21.44 20.78
C ILE D 99 14.30 -21.79 22.26
N PRO D 100 13.20 -21.95 23.01
CA PRO D 100 13.27 -22.28 24.45
C PRO D 100 14.12 -23.52 24.67
N SER D 101 14.90 -23.50 25.74
CA SER D 101 15.75 -24.61 26.11
C SER D 101 14.87 -25.80 26.46
N GLY D 102 15.17 -26.96 25.90
CA GLY D 102 14.39 -28.15 26.18
C GLY D 102 12.99 -28.16 25.59
N SER D 103 12.89 -27.75 24.34
CA SER D 103 11.61 -27.71 23.66
C SER D 103 11.50 -28.94 22.77
N SER D 104 10.27 -29.37 22.50
CA SER D 104 10.06 -30.54 21.65
C SER D 104 9.29 -30.17 20.39
N ALA D 105 9.28 -31.07 19.42
CA ALA D 105 8.57 -30.85 18.17
C ALA D 105 7.08 -30.64 18.41
N GLY D 106 6.53 -31.37 19.38
CA GLY D 106 5.12 -31.24 19.69
C GLY D 106 4.75 -29.87 20.23
N MET D 107 5.76 -29.09 20.62
CA MET D 107 5.55 -27.74 21.13
C MET D 107 6.03 -26.70 20.11
N PHE D 108 6.41 -27.19 18.93
CA PHE D 108 6.85 -26.39 17.79
C PHE D 108 7.98 -25.42 18.07
N GLY D 109 8.80 -25.75 19.07
CA GLY D 109 9.91 -24.88 19.41
C GLY D 109 9.47 -23.55 19.97
N LEU D 110 8.29 -23.55 20.59
CA LEU D 110 7.74 -22.33 21.18
C LEU D 110 7.60 -22.42 22.69
N PHE D 111 7.49 -23.63 23.21
CA PHE D 111 7.32 -23.83 24.66
C PHE D 111 8.29 -24.81 25.31
N SER D 112 8.67 -24.50 26.56
CA SER D 112 9.57 -25.29 27.39
C SER D 112 8.78 -26.40 28.07
N SER D 113 7.51 -26.13 28.35
CA SER D 113 6.62 -27.09 29.02
C SER D 113 5.20 -27.06 28.47
N SER D 114 4.28 -27.73 29.17
CA SER D 114 2.87 -27.76 28.78
C SER D 114 2.00 -26.94 29.72
N ASP D 115 2.64 -26.11 30.54
CA ASP D 115 1.93 -25.23 31.48
C ASP D 115 1.41 -24.02 30.72
N SER D 116 0.70 -23.15 31.44
CA SER D 116 0.16 -21.93 30.84
C SER D 116 0.80 -20.73 31.52
N LYS D 117 2.13 -20.69 31.52
CA LYS D 117 2.89 -19.61 32.13
C LYS D 117 2.68 -18.27 31.41
N SER D 118 2.37 -17.24 32.20
CA SER D 118 2.13 -15.89 31.70
C SER D 118 3.36 -15.23 31.09
N SER D 119 4.53 -15.66 31.55
CA SER D 119 5.81 -15.13 31.07
C SER D 119 6.23 -15.63 29.68
N ASN D 120 5.52 -16.63 29.16
CA ASN D 120 5.83 -17.17 27.84
C ASN D 120 5.69 -16.08 26.77
N GLN D 121 4.67 -15.25 26.93
CA GLN D 121 4.36 -14.15 26.01
C GLN D 121 4.36 -14.58 24.56
N ILE D 122 3.52 -15.58 24.26
CA ILE D 122 3.42 -16.11 22.92
C ILE D 122 2.00 -16.31 22.43
N ILE D 123 1.74 -15.90 21.20
CA ILE D 123 0.46 -16.08 20.56
C ILE D 123 0.78 -16.77 19.26
N ALA D 124 0.13 -17.89 19.01
CA ALA D 124 0.42 -18.65 17.80
C ALA D 124 -0.81 -19.36 17.26
N VAL D 125 -0.80 -19.54 15.95
CA VAL D 125 -1.86 -20.23 15.27
C VAL D 125 -1.17 -21.49 14.78
N GLU D 126 -1.58 -22.63 15.35
CA GLU D 126 -0.96 -23.89 14.98
C GLU D 126 -1.79 -24.71 14.01
N PHE D 127 -1.08 -25.49 13.20
CA PHE D 127 -1.69 -26.41 12.24
C PHE D 127 -1.06 -27.74 12.68
N ASP D 128 -1.69 -28.30 13.70
CA ASP D 128 -1.29 -29.54 14.38
C ASP D 128 -1.67 -30.82 13.65
N THR D 129 -0.67 -31.59 13.25
CA THR D 129 -0.92 -32.84 12.52
C THR D 129 -0.88 -34.09 13.41
N TYR D 130 -0.24 -33.99 14.57
CA TYR D 130 -0.15 -35.11 15.52
C TYR D 130 -0.97 -34.82 16.77
N PHE D 131 -1.79 -35.79 17.16
CA PHE D 131 -2.65 -35.61 18.33
C PHE D 131 -2.68 -36.84 19.26
N GLY D 132 -1.69 -37.72 19.14
CA GLY D 132 -1.64 -38.90 19.99
C GLY D 132 -1.72 -38.57 21.47
N LYS D 133 -2.70 -39.15 22.16
CA LYS D 133 -2.90 -38.90 23.58
C LYS D 133 -1.72 -39.31 24.47
N ALA D 134 -0.95 -40.29 24.01
CA ALA D 134 0.21 -40.76 24.77
C ALA D 134 1.23 -39.63 24.93
N TYR D 135 1.52 -38.96 23.82
CA TYR D 135 2.51 -37.87 23.80
C TYR D 135 1.98 -36.43 23.85
N ASN D 136 0.80 -36.20 23.27
CA ASN D 136 0.20 -34.87 23.23
C ASN D 136 -1.18 -34.91 23.91
N PRO D 137 -1.22 -35.16 25.23
CA PRO D 137 -2.49 -35.26 25.96
C PRO D 137 -3.41 -34.04 25.91
N TRP D 138 -2.84 -32.88 25.57
CA TRP D 138 -3.59 -31.62 25.50
C TRP D 138 -4.42 -31.48 24.22
N ASP D 139 -3.99 -32.16 23.16
CA ASP D 139 -4.67 -32.10 21.87
C ASP D 139 -6.01 -32.81 21.77
N PRO D 140 -6.91 -32.34 20.88
CA PRO D 140 -8.22 -32.98 20.65
C PRO D 140 -7.99 -34.22 19.80
N ASP D 141 -9.05 -34.97 19.49
CA ASP D 141 -8.90 -36.22 18.72
C ASP D 141 -8.89 -36.14 17.20
N PHE D 142 -8.21 -35.15 16.66
CA PHE D 142 -8.13 -34.95 15.21
C PHE D 142 -7.10 -33.89 14.86
N LYS D 143 -6.67 -33.88 13.60
CA LYS D 143 -5.73 -32.87 13.13
C LYS D 143 -6.52 -31.56 13.24
N HIS D 144 -5.90 -30.53 13.82
CA HIS D 144 -6.60 -29.28 14.06
C HIS D 144 -5.84 -27.99 13.78
N ILE D 145 -6.57 -26.90 13.89
CA ILE D 145 -6.04 -25.55 13.75
C ILE D 145 -6.36 -25.00 15.12
N GLY D 146 -5.35 -24.48 15.82
CA GLY D 146 -5.62 -23.97 17.15
C GLY D 146 -5.01 -22.61 17.42
N ILE D 147 -5.72 -21.81 18.21
CA ILE D 147 -5.25 -20.49 18.61
C ILE D 147 -4.58 -20.72 19.97
N ASP D 148 -3.26 -20.57 20.02
CA ASP D 148 -2.52 -20.77 21.26
C ASP D 148 -2.16 -19.46 21.90
N VAL D 149 -2.44 -19.35 23.20
CA VAL D 149 -2.13 -18.14 23.94
C VAL D 149 -1.37 -18.53 25.20
N ASN D 150 -0.05 -18.37 25.16
CA ASN D 150 0.83 -18.69 26.28
C ASN D 150 0.89 -20.16 26.68
N SER D 151 0.31 -21.03 25.86
CA SER D 151 0.29 -22.45 26.16
C SER D 151 0.05 -23.30 24.92
N ILE D 152 0.64 -24.50 24.90
CA ILE D 152 0.48 -25.42 23.77
C ILE D 152 -0.94 -26.03 23.75
N LYS D 153 -1.67 -25.83 24.84
CA LYS D 153 -3.05 -26.28 24.97
C LYS D 153 -3.87 -25.10 24.46
N SER D 154 -4.27 -25.21 23.20
CA SER D 154 -5.04 -24.19 22.49
C SER D 154 -6.30 -23.77 23.25
N ILE D 155 -6.64 -22.48 23.19
CA ILE D 155 -7.83 -21.95 23.84
C ILE D 155 -9.07 -22.24 23.00
N LYS D 156 -8.85 -22.55 21.72
CA LYS D 156 -9.92 -22.86 20.80
C LYS D 156 -9.34 -23.56 19.58
N THR D 157 -9.97 -24.65 19.18
CA THR D 157 -9.51 -25.41 18.01
C THR D 157 -10.67 -25.68 17.07
N VAL D 158 -10.32 -26.23 15.92
CA VAL D 158 -11.30 -26.57 14.89
C VAL D 158 -10.66 -27.69 14.07
N LYS D 159 -11.47 -28.62 13.58
CA LYS D 159 -10.94 -29.71 12.78
C LYS D 159 -10.30 -29.18 11.50
N TRP D 160 -9.09 -29.65 11.21
CA TRP D 160 -8.36 -29.26 10.03
C TRP D 160 -8.39 -30.42 9.04
N ASP D 161 -9.07 -30.22 7.91
CA ASP D 161 -9.19 -31.24 6.88
C ASP D 161 -7.95 -31.25 6.00
N TRP D 162 -6.82 -31.55 6.62
CA TRP D 162 -5.53 -31.60 5.97
C TRP D 162 -5.50 -32.47 4.71
N ARG D 163 -4.89 -31.95 3.66
CA ARG D 163 -4.76 -32.66 2.40
C ARG D 163 -3.27 -32.86 2.18
N ASN D 164 -2.86 -34.12 2.13
CA ASN D 164 -1.46 -34.49 1.95
C ASN D 164 -0.88 -33.95 0.64
N GLY D 165 0.21 -33.19 0.75
CA GLY D 165 0.89 -32.66 -0.42
C GLY D 165 0.26 -31.51 -1.16
N GLU D 166 -0.96 -31.14 -0.78
CA GLU D 166 -1.65 -30.03 -1.44
C GLU D 166 -1.29 -28.68 -0.84
N VAL D 167 -1.33 -27.64 -1.67
CA VAL D 167 -1.02 -26.28 -1.22
C VAL D 167 -2.24 -25.66 -0.53
N ALA D 168 -2.03 -25.13 0.67
CA ALA D 168 -3.07 -24.48 1.43
C ALA D 168 -2.80 -22.98 1.51
N ASP D 169 -3.85 -22.18 1.28
CA ASP D 169 -3.73 -20.72 1.36
C ASP D 169 -4.34 -20.30 2.70
N VAL D 170 -3.61 -19.51 3.47
CA VAL D 170 -4.08 -19.06 4.76
C VAL D 170 -4.07 -17.55 4.86
N VAL D 171 -5.09 -17.00 5.51
CA VAL D 171 -5.21 -15.56 5.74
C VAL D 171 -5.58 -15.39 7.20
N ILE D 172 -4.74 -14.69 7.94
CA ILE D 172 -5.01 -14.44 9.34
C ILE D 172 -5.15 -12.94 9.52
N THR D 173 -6.20 -12.54 10.24
CA THR D 173 -6.41 -11.13 10.47
C THR D 173 -6.71 -10.90 11.92
N TYR D 174 -6.16 -9.80 12.45
CA TYR D 174 -6.41 -9.41 13.81
C TYR D 174 -6.90 -7.99 13.75
N ARG D 175 -8.09 -7.76 14.29
CA ARG D 175 -8.69 -6.44 14.29
C ARG D 175 -8.70 -5.93 15.73
N ALA D 176 -7.77 -5.02 16.02
CA ALA D 176 -7.61 -4.46 17.35
C ALA D 176 -8.89 -3.97 18.03
N PRO D 177 -9.69 -3.12 17.34
CA PRO D 177 -10.92 -2.63 17.97
C PRO D 177 -11.85 -3.71 18.55
N THR D 178 -11.97 -4.85 17.88
CA THR D 178 -12.83 -5.91 18.39
C THR D 178 -12.06 -7.09 18.99
N LYS D 179 -10.73 -6.98 19.05
CA LYS D 179 -9.88 -8.03 19.60
C LYS D 179 -10.14 -9.39 18.95
N SER D 180 -10.50 -9.36 17.67
CA SER D 180 -10.84 -10.57 16.94
C SER D 180 -9.74 -11.14 16.05
N LEU D 181 -9.33 -12.37 16.34
CA LEU D 181 -8.31 -13.05 15.56
C LEU D 181 -9.01 -14.12 14.72
N THR D 182 -8.91 -14.00 13.39
CA THR D 182 -9.56 -14.97 12.51
C THR D 182 -8.59 -15.70 11.59
N VAL D 183 -8.72 -17.02 11.53
CA VAL D 183 -7.87 -17.82 10.67
C VAL D 183 -8.72 -18.38 9.56
N CYS D 184 -8.27 -18.15 8.33
CA CYS D 184 -8.99 -18.55 7.13
C CYS D 184 -8.15 -19.46 6.26
N LEU D 185 -8.41 -20.77 6.30
CA LEU D 185 -7.64 -21.70 5.47
C LEU D 185 -8.45 -22.34 4.35
N SER D 186 -7.84 -22.46 3.18
CA SER D 186 -8.51 -23.09 2.05
C SER D 186 -7.54 -23.81 1.12
N TYR D 187 -8.05 -24.84 0.47
CA TYR D 187 -7.28 -25.64 -0.48
C TYR D 187 -7.83 -25.43 -1.88
N PRO D 188 -7.16 -24.61 -2.69
CA PRO D 188 -7.63 -24.36 -4.06
C PRO D 188 -7.83 -25.64 -4.89
N SER D 189 -7.06 -26.68 -4.54
CA SER D 189 -7.10 -27.98 -5.22
C SER D 189 -8.50 -28.59 -5.28
N ASP D 190 -9.19 -28.64 -4.14
CA ASP D 190 -10.53 -29.24 -4.08
C ASP D 190 -11.61 -28.41 -3.37
N GLY D 191 -11.28 -27.16 -3.01
CA GLY D 191 -12.25 -26.31 -2.35
C GLY D 191 -12.48 -26.55 -0.87
N THR D 192 -11.63 -27.34 -0.23
CA THR D 192 -11.77 -27.61 1.22
C THR D 192 -11.41 -26.34 1.98
N SER D 193 -12.24 -25.98 2.96
CA SER D 193 -12.00 -24.77 3.74
C SER D 193 -12.28 -24.95 5.22
N ASN D 194 -11.43 -24.36 6.05
CA ASN D 194 -11.59 -24.43 7.49
C ASN D 194 -11.41 -23.01 8.02
N ILE D 195 -12.18 -22.66 9.05
CA ILE D 195 -12.10 -21.33 9.62
C ILE D 195 -12.25 -21.39 11.12
N ILE D 196 -11.64 -20.42 11.81
CA ILE D 196 -11.70 -20.35 13.27
C ILE D 196 -11.46 -18.90 13.71
N THR D 197 -12.19 -18.45 14.73
CA THR D 197 -12.05 -17.09 15.25
C THR D 197 -12.06 -17.14 16.76
N ALA D 198 -11.25 -16.29 17.39
CA ALA D 198 -11.18 -16.22 18.85
C ALA D 198 -10.88 -14.80 19.28
N SER D 199 -11.17 -14.49 20.54
CA SER D 199 -10.86 -13.16 21.09
C SER D 199 -9.53 -13.20 21.82
N VAL D 200 -8.67 -12.24 21.49
CA VAL D 200 -7.36 -12.18 22.11
C VAL D 200 -6.96 -10.73 22.28
N ASP D 201 -6.53 -10.37 23.48
CA ASP D 201 -6.09 -9.01 23.73
C ASP D 201 -4.56 -9.03 23.69
N LEU D 202 -3.99 -8.60 22.57
CA LEU D 202 -2.54 -8.59 22.40
C LEU D 202 -1.83 -7.81 23.50
N LYS D 203 -2.41 -6.68 23.91
CA LYS D 203 -1.85 -5.83 24.94
C LYS D 203 -1.69 -6.58 26.26
N ALA D 204 -2.60 -7.51 26.52
CA ALA D 204 -2.57 -8.29 27.74
C ALA D 204 -1.58 -9.45 27.70
N ILE D 205 -1.31 -9.97 26.51
CA ILE D 205 -0.40 -11.11 26.37
C ILE D 205 1.04 -10.80 25.97
N LEU D 206 1.20 -9.98 24.94
CA LEU D 206 2.53 -9.67 24.40
C LEU D 206 3.16 -8.37 24.88
N PRO D 207 4.50 -8.24 24.72
CA PRO D 207 5.20 -7.01 25.05
C PRO D 207 4.98 -6.06 23.88
N GLU D 208 5.45 -4.82 23.98
CA GLU D 208 5.28 -3.85 22.90
C GLU D 208 5.94 -4.25 21.58
N TRP D 209 7.15 -4.77 21.69
CA TRP D 209 7.93 -5.20 20.54
C TRP D 209 8.01 -6.70 20.40
N VAL D 210 7.55 -7.19 19.26
CA VAL D 210 7.53 -8.63 19.00
C VAL D 210 8.19 -8.99 17.66
N SER D 211 8.45 -10.28 17.49
CA SER D 211 9.02 -10.83 16.27
C SER D 211 7.94 -11.78 15.75
N VAL D 212 7.75 -11.82 14.43
CA VAL D 212 6.75 -12.72 13.85
C VAL D 212 7.43 -13.75 12.95
N GLY D 213 6.82 -14.92 12.83
CA GLY D 213 7.41 -15.94 11.98
C GLY D 213 6.73 -17.29 12.02
N PHE D 214 7.45 -18.29 11.52
CA PHE D 214 6.92 -19.65 11.49
C PHE D 214 7.84 -20.56 12.26
N SER D 215 7.28 -21.62 12.80
CA SER D 215 8.04 -22.62 13.53
C SER D 215 7.36 -23.94 13.24
N GLY D 216 8.08 -25.03 13.42
CA GLY D 216 7.51 -26.33 13.17
C GLY D 216 8.44 -27.41 13.68
N GLY D 217 7.95 -28.64 13.74
CA GLY D 217 8.79 -29.72 14.21
C GLY D 217 8.37 -31.07 13.69
N VAL D 218 9.30 -32.01 13.77
CA VAL D 218 9.10 -33.40 13.37
C VAL D 218 9.60 -34.21 14.57
N GLY D 219 8.67 -34.68 15.39
CA GLY D 219 9.03 -35.43 16.58
C GLY D 219 9.55 -36.84 16.38
N ASN D 220 9.12 -37.49 15.31
CA ASN D 220 9.54 -38.86 15.03
C ASN D 220 9.87 -39.03 13.56
N ALA D 221 11.15 -39.31 13.29
CA ALA D 221 11.64 -39.49 11.91
C ALA D 221 10.92 -40.56 11.10
N ALA D 222 10.27 -41.50 11.80
CA ALA D 222 9.54 -42.58 11.14
C ALA D 222 8.23 -42.09 10.51
N GLU D 223 7.66 -41.03 11.09
CA GLU D 223 6.42 -40.46 10.59
C GLU D 223 6.70 -39.07 10.01
N PHE D 224 7.68 -39.02 9.13
CA PHE D 224 8.13 -37.80 8.48
C PHE D 224 7.11 -37.10 7.58
N GLU D 225 7.22 -35.77 7.53
CA GLU D 225 6.40 -34.90 6.70
C GLU D 225 7.12 -33.55 6.60
N THR D 226 6.86 -32.82 5.52
CA THR D 226 7.47 -31.52 5.32
C THR D 226 6.61 -30.40 5.91
N HIS D 227 7.20 -29.23 6.09
CA HIS D 227 6.49 -28.06 6.62
C HIS D 227 7.09 -26.91 5.82
N ASP D 228 6.63 -26.79 4.59
CA ASP D 228 7.12 -25.78 3.66
C ASP D 228 6.20 -24.61 3.42
N VAL D 229 6.70 -23.40 3.64
CA VAL D 229 5.88 -22.22 3.35
C VAL D 229 6.44 -21.65 2.04
N LEU D 230 5.54 -21.44 1.09
CA LEU D 230 5.85 -20.97 -0.25
C LEU D 230 5.96 -19.48 -0.46
N SER D 231 5.15 -18.73 0.28
CA SER D 231 5.13 -17.27 0.16
C SER D 231 4.59 -16.68 1.45
N TRP D 232 4.85 -15.40 1.66
CA TRP D 232 4.41 -14.75 2.88
C TRP D 232 4.21 -13.25 2.72
N TYR D 233 3.02 -12.79 3.10
CA TYR D 233 2.68 -11.38 3.06
C TYR D 233 2.25 -10.99 4.48
N PHE D 234 2.73 -9.84 4.93
CA PHE D 234 2.39 -9.37 6.26
C PHE D 234 2.29 -7.86 6.30
N THR D 235 1.36 -7.36 7.10
CA THR D 235 1.16 -5.93 7.25
C THR D 235 0.54 -5.66 8.62
N SER D 236 1.08 -4.66 9.32
CA SER D 236 0.56 -4.28 10.61
C SER D 236 0.41 -2.77 10.64
N ASN D 237 -0.41 -2.27 11.54
CA ASN D 237 -0.63 -0.83 11.63
C ASN D 237 -1.20 -0.41 12.98
N LEU D 238 -0.50 0.53 13.63
CA LEU D 238 -0.89 1.06 14.93
C LEU D 238 -1.96 2.17 14.83
N GLU D 239 -3.12 1.94 15.43
MN MN E . 1.88 29.97 -17.62
CA CA F . 0.99 29.76 -21.96
C1 NAG G . -16.80 30.56 -18.72
C2 NAG G . -17.99 31.14 -19.47
C3 NAG G . -19.18 31.24 -18.52
C4 NAG G . -19.51 29.83 -18.03
C5 NAG G . -18.26 29.19 -17.39
C6 NAG G . -18.50 27.73 -17.05
C7 NAG G . -18.17 32.75 -21.24
C8 NAG G . -17.82 34.11 -21.80
N2 NAG G . -17.68 32.43 -20.05
O3 NAG G . -20.31 31.79 -19.20
O4 NAG G . -20.57 29.89 -17.09
O5 NAG G . -17.13 29.22 -18.29
O6 NAG G . -18.81 26.98 -18.22
O7 NAG G . -18.89 31.98 -21.90
C1 GAL H . -2.64 31.20 -30.62
C2 GAL H . -3.07 30.49 -29.32
C3 GAL H . -1.96 30.55 -28.27
C4 GAL H . -0.68 29.97 -28.88
C5 GAL H . -0.32 30.80 -30.11
C6 GAL H . 0.97 30.35 -30.78
O1 GAL H . -3.60 30.98 -31.60
O2 GAL H . -4.24 31.11 -28.79
O3 GAL H . -2.33 29.81 -27.12
O4 GAL H . -0.88 28.63 -29.28
O5 GAL H . -1.39 30.68 -31.09
O6 GAL H . 1.29 31.18 -31.87
MN MN I . -29.42 -18.33 -2.46
CA CA J . -33.19 -16.33 -1.14
C1 NAG K . -34.24 -8.70 -17.71
C2 NAG K . -35.40 -8.28 -18.61
C3 NAG K . -34.88 -8.06 -20.03
C4 NAG K . -33.82 -6.98 -19.98
C5 NAG K . -32.72 -7.34 -18.97
C6 NAG K . -31.75 -6.20 -18.76
C7 NAG K . -37.74 -8.83 -18.63
C8 NAG K . -38.82 -9.89 -18.62
N2 NAG K . -36.48 -9.26 -18.60
O3 NAG K . -35.94 -7.68 -20.91
O4 NAG K . -33.25 -6.79 -21.28
O5 NAG K . -33.28 -7.64 -17.67
O6 NAG K . -32.42 -5.04 -18.27
O7 NAG K . -38.04 -7.64 -18.68
MN MN L . 30.37 17.05 0.14
CA CA M . 31.87 18.49 4.25
C1 NAG N . 38.86 1.87 6.98
C2 NAG N . 40.08 1.36 7.74
C3 NAG N . 40.36 -0.09 7.30
C4 NAG N . 39.14 -0.93 7.62
C5 NAG N . 37.88 -0.33 6.98
C6 NAG N . 36.62 -1.05 7.43
C7 NAG N . 42.07 2.42 8.53
C8 NAG N . 43.27 3.31 8.26
N2 NAG N . 41.23 2.19 7.52
O3 NAG N . 41.51 -0.60 7.97
O4 NAG N . 39.34 -2.26 7.17
O5 NAG N . 37.73 1.07 7.33
O6 NAG N . 36.47 -0.94 8.85
O7 NAG N . 41.91 1.93 9.66
C1 GAL O . 37.66 20.01 11.79
C2 GAL O . 37.12 18.77 11.07
C3 GAL O . 36.21 19.16 9.90
C4 GAL O . 35.13 20.10 10.41
C5 GAL O . 35.80 21.32 11.03
C6 GAL O . 34.80 22.35 11.52
O1 GAL O . 38.33 19.64 12.95
O2 GAL O . 38.20 17.98 10.59
O3 GAL O . 35.63 17.99 9.32
O4 GAL O . 34.35 19.45 11.40
O5 GAL O . 36.60 20.90 12.15
O6 GAL O . 35.48 23.48 12.04
MN MN P . -2.69 -28.60 19.30
CA CA Q . 0.41 -31.94 18.45
C1 NAG R . 12.09 -23.32 29.35
C2 NAG R . 13.20 -23.80 30.28
C3 NAG R . 13.59 -22.65 31.23
C4 NAG R . 14.07 -21.48 30.36
C5 NAG R . 12.99 -21.10 29.33
C6 NAG R . 13.51 -20.06 28.35
C7 NAG R . 13.71 -25.92 31.28
C8 NAG R . 13.26 -27.12 32.09
N2 NAG R . 12.81 -24.97 31.04
O3 NAG R . 14.62 -23.05 32.12
O4 NAG R . 14.37 -20.36 31.20
O5 NAG R . 12.59 -22.25 28.55
O6 NAG R . 14.64 -20.56 27.63
O7 NAG R . 14.89 -25.84 30.89
#